data_1YYU
#
_entry.id   1YYU
#
_cell.length_a   122.490
_cell.length_b   122.490
_cell.length_c   150.610
_cell.angle_alpha   90.00
_cell.angle_beta   90.00
_cell.angle_gamma   120.00
#
_symmetry.space_group_name_H-M   'P 31 2 1'
#
loop_
_entity.id
_entity.type
_entity.pdbx_description
1 polymer 'Trichodiene synthase'
2 non-polymer 'MAGNESIUM ION'
3 non-polymer (1R)-N,4-DIMETHYL-N-(4-METHYLPENT-3-ENYL)CYCLOHEX-3-ENAMINIUM
4 non-polymer 'PYROPHOSPHATE 2-'
5 non-polymer 1,2-ETHANEDIOL
6 non-polymer (1S)-N,4-DIMETHYL-N-(4-METHYLPENT-3-ENYL)CYCLOHEX-3-ENAMINIUM
7 water water
#
_entity_poly.entity_id   1
_entity_poly.type   'polypeptide(L)'
_entity_poly.pdbx_seq_one_letter_code
;MENFPTEYFLNTTVRLLEYIRYRDSNYTREERIENLHYAYNKAAHHFAQPRQQQLLKVDPKRLQASLQTIVGMVVYSWAK
VSKECMADLSIHYTYTLVLEDSKDDPYPTMVNYFDDLQAGREQAHPWWALVNEHFPNVLRHFGPFCSLNLIRSTLDFFEG
CWIEQYNFGGFPGSHDYPQFLRRMNGLGHCVGASLWPKEQFNERSLFLEITSAIAQMENWMVWVNDLMSFYKEFDDERDQ
ISLVKNYVVSDEISLHEALEKLTQDTLHSSKQMVAVFSDKDPQVMDTIECFMHGYVTWHLCDRRYRLSEIYEKVKEEKTE
DAQKFCKFYEQAANVGAVSPSEWAYPPVAQLANVRSKDVKEVQKPFLSSIELVE
;
_entity_poly.pdbx_strand_id   A,B
#
# COMPACT_ATOMS: atom_id res chain seq x y z
N MET A 1 -15.01 -26.58 0.07
CA MET A 1 -15.95 -27.04 -1.00
C MET A 1 -15.44 -28.34 -1.64
N GLU A 2 -16.23 -28.86 -2.59
CA GLU A 2 -15.86 -30.08 -3.32
C GLU A 2 -15.99 -29.77 -4.81
N ASN A 3 -17.19 -29.35 -5.20
CA ASN A 3 -17.48 -29.00 -6.58
C ASN A 3 -17.63 -27.50 -6.65
N PHE A 4 -17.57 -26.97 -7.87
CA PHE A 4 -17.68 -25.54 -8.08
C PHE A 4 -19.08 -25.00 -7.77
N PRO A 5 -19.16 -23.95 -6.93
CA PRO A 5 -20.45 -23.34 -6.55
C PRO A 5 -21.13 -22.67 -7.74
N THR A 6 -21.17 -23.39 -8.86
CA THR A 6 -21.73 -22.88 -10.11
C THR A 6 -22.78 -21.81 -9.99
N GLU A 7 -23.90 -22.14 -9.36
CA GLU A 7 -24.99 -21.18 -9.22
C GLU A 7 -24.57 -19.96 -8.42
N TYR A 8 -24.03 -20.19 -7.23
CA TYR A 8 -23.58 -19.07 -6.39
C TYR A 8 -22.69 -18.16 -7.24
N PHE A 9 -21.82 -18.77 -8.03
CA PHE A 9 -20.93 -18.03 -8.90
C PHE A 9 -21.76 -17.19 -9.84
N LEU A 10 -22.74 -17.85 -10.48
CA LEU A 10 -23.63 -17.19 -11.42
C LEU A 10 -24.31 -15.97 -10.80
N ASN A 11 -24.98 -16.19 -9.66
CA ASN A 11 -25.67 -15.12 -8.96
C ASN A 11 -24.76 -13.91 -8.80
N THR A 12 -23.71 -14.09 -8.00
CA THR A 12 -22.74 -13.04 -7.72
C THR A 12 -22.27 -12.33 -8.99
N THR A 13 -21.93 -13.11 -10.02
CA THR A 13 -21.47 -12.53 -11.28
C THR A 13 -22.51 -11.58 -11.85
N VAL A 14 -23.71 -12.12 -12.07
CA VAL A 14 -24.83 -11.36 -12.61
C VAL A 14 -25.03 -10.08 -11.81
N ARG A 15 -25.05 -10.23 -10.48
CA ARG A 15 -25.21 -9.11 -9.57
C ARG A 15 -24.11 -8.10 -9.88
N LEU A 16 -22.85 -8.54 -9.82
CA LEU A 16 -21.73 -7.66 -10.12
C LEU A 16 -22.00 -6.89 -11.42
N LEU A 17 -22.28 -7.62 -12.49
CA LEU A 17 -22.56 -7.01 -13.79
C LEU A 17 -23.68 -5.96 -13.75
N GLU A 18 -24.76 -6.24 -13.04
CA GLU A 18 -25.85 -5.28 -12.92
C GLU A 18 -25.35 -4.05 -12.16
N TYR A 19 -24.87 -4.23 -10.94
CA TYR A 19 -24.37 -3.11 -10.14
C TYR A 19 -23.52 -2.13 -10.95
N ILE A 20 -22.63 -2.63 -11.79
CA ILE A 20 -21.78 -1.75 -12.58
C ILE A 20 -22.46 -1.21 -13.83
N ARG A 21 -23.61 -1.79 -14.16
CA ARG A 21 -24.41 -1.40 -15.32
C ARG A 21 -23.86 -1.96 -16.63
N TYR A 22 -23.50 -3.23 -16.62
CA TYR A 22 -22.95 -3.87 -17.81
C TYR A 22 -23.87 -3.78 -19.03
N ARG A 23 -23.65 -2.77 -19.86
CA ARG A 23 -24.45 -2.57 -21.06
C ARG A 23 -23.55 -2.39 -22.28
N ASP A 24 -24.14 -2.44 -23.47
CA ASP A 24 -23.40 -2.30 -24.72
C ASP A 24 -22.69 -0.96 -24.85
N SER A 25 -21.63 -0.93 -25.65
CA SER A 25 -20.85 0.27 -25.85
C SER A 25 -20.76 0.65 -27.32
N ASN A 26 -20.22 1.83 -27.60
CA ASN A 26 -20.06 2.29 -28.97
C ASN A 26 -18.64 1.97 -29.42
N TYR A 27 -18.05 0.98 -28.75
CA TYR A 27 -16.69 0.51 -29.02
C TYR A 27 -16.85 -0.75 -29.88
N THR A 28 -16.93 -0.56 -31.19
CA THR A 28 -17.13 -1.63 -32.16
C THR A 28 -15.99 -2.63 -32.29
N ARG A 29 -16.31 -3.80 -32.83
CA ARG A 29 -15.30 -4.83 -33.02
C ARG A 29 -14.23 -4.35 -33.98
N GLU A 30 -14.61 -3.51 -34.93
CA GLU A 30 -13.64 -2.99 -35.88
C GLU A 30 -12.65 -2.14 -35.12
N GLU A 31 -13.17 -1.37 -34.16
CA GLU A 31 -12.34 -0.50 -33.34
C GLU A 31 -11.46 -1.31 -32.41
N ARG A 32 -12.06 -2.28 -31.73
CA ARG A 32 -11.31 -3.13 -30.82
C ARG A 32 -10.14 -3.73 -31.57
N ILE A 33 -10.42 -4.30 -32.74
CA ILE A 33 -9.39 -4.89 -33.55
C ILE A 33 -8.36 -3.88 -33.98
N GLU A 34 -8.83 -2.71 -34.36
CA GLU A 34 -7.88 -1.68 -34.78
C GLU A 34 -6.81 -1.46 -33.72
N ASN A 35 -7.30 -1.29 -32.49
CA ASN A 35 -6.44 -1.06 -31.32
C ASN A 35 -5.62 -2.30 -30.92
N LEU A 36 -6.27 -3.46 -30.84
CA LEU A 36 -5.56 -4.68 -30.49
C LEU A 36 -4.29 -4.76 -31.32
N HIS A 37 -4.42 -4.83 -32.64
CA HIS A 37 -3.26 -4.91 -33.52
C HIS A 37 -2.26 -3.77 -33.33
N TYR A 38 -2.74 -2.56 -33.08
CA TYR A 38 -1.82 -1.46 -32.92
C TYR A 38 -0.92 -1.72 -31.71
N ALA A 39 -1.56 -1.90 -30.56
CA ALA A 39 -0.86 -2.16 -29.32
C ALA A 39 0.03 -3.39 -29.49
N TYR A 40 -0.56 -4.53 -29.83
CA TYR A 40 0.22 -5.74 -30.03
C TYR A 40 1.46 -5.52 -30.92
N ASN A 41 1.27 -4.88 -32.06
CA ASN A 41 2.39 -4.65 -32.98
C ASN A 41 3.54 -3.86 -32.38
N LYS A 42 3.23 -2.80 -31.62
CA LYS A 42 4.30 -1.99 -31.04
C LYS A 42 5.06 -2.80 -30.01
N ALA A 43 4.30 -3.46 -29.15
CA ALA A 43 4.86 -4.30 -28.10
C ALA A 43 5.69 -5.42 -28.69
N ALA A 44 5.11 -6.16 -29.63
CA ALA A 44 5.81 -7.27 -30.26
C ALA A 44 7.17 -6.82 -30.74
N HIS A 45 7.20 -5.71 -31.47
CA HIS A 45 8.46 -5.19 -31.98
C HIS A 45 9.43 -4.86 -30.86
N HIS A 46 8.87 -4.45 -29.72
CA HIS A 46 9.67 -4.11 -28.56
C HIS A 46 10.30 -5.36 -27.92
N PHE A 47 9.46 -6.31 -27.55
CA PHE A 47 9.97 -7.53 -26.93
C PHE A 47 10.79 -8.36 -27.88
N ALA A 48 10.84 -7.96 -29.15
CA ALA A 48 11.61 -8.71 -30.14
C ALA A 48 13.02 -8.16 -30.30
N GLN A 49 13.30 -7.05 -29.62
CA GLN A 49 14.61 -6.44 -29.70
C GLN A 49 15.61 -7.34 -29.01
N PRO A 50 16.83 -7.43 -29.56
CA PRO A 50 17.88 -8.28 -28.99
C PRO A 50 18.10 -8.06 -27.47
N ARG A 51 18.29 -6.81 -27.05
CA ARG A 51 18.50 -6.52 -25.63
C ARG A 51 17.37 -7.10 -24.81
N GLN A 52 16.13 -6.83 -25.20
CA GLN A 52 14.98 -7.37 -24.46
C GLN A 52 15.01 -8.90 -24.51
N GLN A 53 15.22 -9.44 -25.72
CA GLN A 53 15.27 -10.88 -25.92
C GLN A 53 16.28 -11.54 -24.98
N GLN A 54 17.37 -10.83 -24.70
CA GLN A 54 18.41 -11.34 -23.82
C GLN A 54 18.09 -11.22 -22.36
N LEU A 55 17.97 -10.00 -21.87
CA LEU A 55 17.71 -9.80 -20.45
C LEU A 55 16.44 -10.39 -19.90
N LEU A 56 15.38 -10.44 -20.70
CA LEU A 56 14.12 -10.99 -20.20
C LEU A 56 14.08 -12.48 -20.43
N LYS A 57 14.32 -13.27 -19.39
CA LYS A 57 14.31 -14.71 -19.55
C LYS A 57 12.91 -15.27 -19.42
N VAL A 58 12.29 -15.53 -20.55
CA VAL A 58 10.93 -16.05 -20.58
C VAL A 58 10.79 -17.03 -21.72
N ASP A 59 9.98 -18.06 -21.52
CA ASP A 59 9.75 -19.01 -22.60
C ASP A 59 9.03 -18.26 -23.70
N PRO A 60 9.56 -18.32 -24.93
CA PRO A 60 8.94 -17.63 -26.05
C PRO A 60 7.43 -17.76 -26.09
N LYS A 61 6.95 -18.99 -25.98
CA LYS A 61 5.53 -19.25 -26.00
C LYS A 61 4.75 -18.52 -24.92
N ARG A 62 5.32 -18.43 -23.73
CA ARG A 62 4.64 -17.74 -22.65
C ARG A 62 4.68 -16.24 -22.88
N LEU A 63 5.81 -15.73 -23.37
CA LEU A 63 5.90 -14.28 -23.63
C LEU A 63 4.80 -13.92 -24.63
N GLN A 64 4.63 -14.80 -25.62
CA GLN A 64 3.64 -14.61 -26.67
C GLN A 64 2.25 -14.59 -26.07
N ALA A 65 1.91 -15.65 -25.37
CA ALA A 65 0.60 -15.76 -24.73
C ALA A 65 0.32 -14.64 -23.73
N SER A 66 1.35 -14.26 -22.98
CA SER A 66 1.19 -13.22 -21.98
C SER A 66 0.98 -11.88 -22.65
N LEU A 67 1.80 -11.57 -23.65
CA LEU A 67 1.69 -10.31 -24.39
C LEU A 67 0.28 -10.15 -24.93
N GLN A 68 -0.26 -11.23 -25.47
CA GLN A 68 -1.61 -11.22 -26.01
C GLN A 68 -2.64 -11.02 -24.91
N THR A 69 -2.47 -11.70 -23.79
CA THR A 69 -3.41 -11.54 -22.70
C THR A 69 -3.37 -10.11 -22.19
N ILE A 70 -2.19 -9.49 -22.20
CA ILE A 70 -2.10 -8.12 -21.70
C ILE A 70 -2.69 -7.12 -22.66
N VAL A 71 -2.26 -7.15 -23.93
CA VAL A 71 -2.78 -6.22 -24.92
C VAL A 71 -4.31 -6.24 -24.85
N GLY A 72 -4.89 -7.43 -24.79
CA GLY A 72 -6.33 -7.53 -24.72
C GLY A 72 -6.92 -6.80 -23.53
N MET A 73 -6.41 -7.08 -22.33
CA MET A 73 -6.89 -6.44 -21.13
C MET A 73 -6.83 -4.92 -21.24
N VAL A 74 -5.72 -4.41 -21.77
CA VAL A 74 -5.54 -2.97 -21.89
C VAL A 74 -6.48 -2.32 -22.88
N VAL A 75 -6.45 -2.82 -24.10
CA VAL A 75 -7.31 -2.27 -25.15
C VAL A 75 -8.78 -2.30 -24.77
N TYR A 76 -9.22 -3.38 -24.15
CA TYR A 76 -10.61 -3.51 -23.74
C TYR A 76 -11.00 -2.68 -22.52
N SER A 77 -10.03 -2.26 -21.72
CA SER A 77 -10.32 -1.50 -20.50
C SER A 77 -9.92 -0.02 -20.52
N TRP A 78 -8.79 0.31 -21.14
CA TRP A 78 -8.36 1.69 -21.22
C TRP A 78 -8.92 2.26 -22.52
N ALA A 79 -10.16 1.85 -22.82
CA ALA A 79 -10.89 2.24 -24.01
C ALA A 79 -10.76 3.71 -24.45
N LYS A 80 -10.56 4.61 -23.49
CA LYS A 80 -10.48 6.02 -23.82
C LYS A 80 -9.10 6.59 -24.03
N VAL A 81 -8.06 5.86 -23.65
CA VAL A 81 -6.71 6.39 -23.82
C VAL A 81 -6.33 6.29 -25.29
N SER A 82 -5.29 7.00 -25.68
CA SER A 82 -4.84 6.97 -27.07
C SER A 82 -4.25 5.61 -27.45
N LYS A 83 -4.08 5.38 -28.75
CA LYS A 83 -3.51 4.12 -29.20
C LYS A 83 -2.09 3.95 -28.66
N GLU A 84 -1.25 4.96 -28.79
CA GLU A 84 0.11 4.87 -28.26
C GLU A 84 0.07 4.54 -26.78
N CYS A 85 -0.86 5.15 -26.05
CA CYS A 85 -1.01 4.90 -24.63
C CYS A 85 -1.24 3.41 -24.35
N MET A 86 -2.25 2.83 -25.00
CA MET A 86 -2.56 1.42 -24.83
C MET A 86 -1.32 0.57 -25.11
N ALA A 87 -0.61 0.94 -26.18
CA ALA A 87 0.60 0.25 -26.58
C ALA A 87 1.60 0.24 -25.43
N ASP A 88 2.06 1.44 -25.04
CA ASP A 88 3.01 1.57 -23.95
C ASP A 88 2.53 0.93 -22.65
N LEU A 89 1.24 1.03 -22.35
CA LEU A 89 0.75 0.40 -21.13
C LEU A 89 0.86 -1.11 -21.30
N SER A 90 0.64 -1.58 -22.52
CA SER A 90 0.70 -3.00 -22.82
C SER A 90 2.12 -3.53 -22.59
N ILE A 91 3.11 -2.76 -23.00
CA ILE A 91 4.49 -3.16 -22.82
C ILE A 91 4.81 -3.26 -21.33
N HIS A 92 4.38 -2.27 -20.55
CA HIS A 92 4.64 -2.25 -19.10
C HIS A 92 3.93 -3.39 -18.40
N TYR A 93 2.63 -3.52 -18.61
CA TYR A 93 1.92 -4.60 -17.96
C TYR A 93 2.34 -5.98 -18.44
N THR A 94 3.03 -6.06 -19.59
CA THR A 94 3.46 -7.38 -20.02
C THR A 94 4.72 -7.70 -19.22
N TYR A 95 5.53 -6.68 -18.94
CA TYR A 95 6.72 -6.88 -18.14
C TYR A 95 6.32 -7.42 -16.78
N THR A 96 5.36 -6.76 -16.14
CA THR A 96 4.91 -7.19 -14.83
C THR A 96 4.39 -8.62 -14.85
N LEU A 97 3.61 -8.98 -15.87
CA LEU A 97 3.07 -10.33 -15.95
C LEU A 97 4.18 -11.35 -16.10
N VAL A 98 5.15 -11.04 -16.93
CA VAL A 98 6.27 -11.95 -17.15
C VAL A 98 7.07 -12.21 -15.86
N LEU A 99 7.24 -11.19 -15.02
CA LEU A 99 7.98 -11.33 -13.77
C LEU A 99 7.41 -12.41 -12.87
N GLU A 100 6.11 -12.65 -12.96
CA GLU A 100 5.48 -13.67 -12.14
C GLU A 100 6.10 -15.02 -12.48
N ASP A 101 6.84 -15.06 -13.58
CA ASP A 101 7.47 -16.29 -14.02
C ASP A 101 8.78 -16.62 -13.31
N SER A 102 9.71 -15.66 -13.25
CA SER A 102 11.00 -15.88 -12.60
C SER A 102 10.85 -16.53 -11.23
N LYS A 103 11.54 -17.66 -11.06
CA LYS A 103 11.52 -18.42 -9.82
C LYS A 103 12.74 -17.94 -9.04
N ASP A 104 13.62 -17.26 -9.77
CA ASP A 104 14.87 -16.74 -9.23
C ASP A 104 14.76 -15.80 -8.05
N ASP A 105 15.55 -16.09 -7.03
CA ASP A 105 15.62 -15.32 -5.81
C ASP A 105 16.14 -13.89 -6.08
N PRO A 106 15.34 -12.88 -5.70
CA PRO A 106 15.64 -11.45 -5.86
C PRO A 106 16.76 -10.96 -4.95
N TYR A 107 16.86 -11.56 -3.77
CA TYR A 107 17.84 -11.16 -2.78
C TYR A 107 19.19 -10.68 -3.32
N PRO A 108 20.01 -11.58 -3.86
CA PRO A 108 21.31 -11.17 -4.38
C PRO A 108 21.30 -9.99 -5.36
N THR A 109 20.28 -9.90 -6.21
CA THR A 109 20.20 -8.81 -7.19
C THR A 109 19.64 -7.51 -6.61
N MET A 110 19.00 -7.61 -5.45
CA MET A 110 18.43 -6.46 -4.77
C MET A 110 19.30 -5.89 -3.66
N VAL A 111 20.48 -6.47 -3.45
CA VAL A 111 21.37 -6.04 -2.39
C VAL A 111 21.87 -4.61 -2.49
N ASN A 112 22.07 -4.13 -3.70
CA ASN A 112 22.56 -2.76 -3.92
C ASN A 112 21.51 -1.91 -4.63
N TYR A 113 20.25 -2.32 -4.47
CA TYR A 113 19.14 -1.63 -5.11
C TYR A 113 19.19 -0.12 -4.91
N PHE A 114 19.16 0.32 -3.66
CA PHE A 114 19.17 1.75 -3.41
C PHE A 114 20.44 2.49 -3.81
N ASP A 115 21.59 1.88 -3.64
CA ASP A 115 22.81 2.58 -3.99
C ASP A 115 22.95 2.76 -5.48
N ASP A 116 22.53 1.75 -6.24
CA ASP A 116 22.64 1.85 -7.68
C ASP A 116 21.60 2.84 -8.20
N LEU A 117 20.42 2.85 -7.58
CA LEU A 117 19.37 3.75 -8.02
C LEU A 117 19.82 5.19 -7.86
N GLN A 118 20.24 5.54 -6.66
CA GLN A 118 20.69 6.89 -6.38
C GLN A 118 21.90 7.29 -7.22
N ALA A 119 22.73 6.31 -7.57
CA ALA A 119 23.94 6.58 -8.36
C ALA A 119 23.67 6.67 -9.85
N GLY A 120 22.54 6.11 -10.28
CA GLY A 120 22.21 6.12 -11.69
C GLY A 120 22.82 4.95 -12.44
N ARG A 121 23.26 3.92 -11.72
CA ARG A 121 23.86 2.73 -12.34
C ARG A 121 22.75 1.74 -12.65
N GLU A 122 22.82 1.07 -13.79
CA GLU A 122 21.81 0.10 -14.17
C GLU A 122 21.63 -0.92 -13.05
N GLN A 123 20.39 -1.31 -12.80
CA GLN A 123 20.13 -2.28 -11.74
C GLN A 123 20.73 -3.64 -12.03
N ALA A 124 21.00 -4.39 -10.98
CA ALA A 124 21.58 -5.71 -11.11
C ALA A 124 20.55 -6.68 -11.64
N HIS A 125 19.32 -6.55 -11.15
CA HIS A 125 18.24 -7.42 -11.58
C HIS A 125 17.85 -7.02 -12.98
N PRO A 126 17.99 -7.93 -13.95
CA PRO A 126 17.65 -7.66 -15.35
C PRO A 126 16.25 -7.08 -15.59
N TRP A 127 15.26 -7.52 -14.82
CA TRP A 127 13.91 -7.02 -14.99
C TRP A 127 13.87 -5.51 -14.74
N TRP A 128 14.41 -5.10 -13.61
CA TRP A 128 14.44 -3.69 -13.29
C TRP A 128 15.20 -2.96 -14.38
N ALA A 129 16.26 -3.58 -14.89
CA ALA A 129 17.03 -2.92 -15.93
C ALA A 129 16.17 -2.61 -17.17
N LEU A 130 15.38 -3.58 -17.60
CA LEU A 130 14.51 -3.38 -18.76
C LEU A 130 13.34 -2.46 -18.42
N VAL A 131 12.65 -2.78 -17.34
CA VAL A 131 11.50 -1.99 -16.93
C VAL A 131 11.80 -0.49 -16.66
N ASN A 132 12.81 -0.19 -15.85
CA ASN A 132 13.11 1.21 -15.57
C ASN A 132 13.61 1.94 -16.81
N GLU A 133 14.20 1.19 -17.72
CA GLU A 133 14.69 1.78 -18.96
C GLU A 133 13.47 2.15 -19.81
N HIS A 134 12.49 1.26 -19.86
CA HIS A 134 11.30 1.51 -20.66
C HIS A 134 10.29 2.46 -20.05
N PHE A 135 10.19 2.45 -18.71
CA PHE A 135 9.24 3.28 -17.98
C PHE A 135 8.89 4.67 -18.56
N PRO A 136 9.90 5.46 -18.99
CA PRO A 136 9.64 6.79 -19.55
C PRO A 136 8.57 6.85 -20.64
N ASN A 137 8.47 5.81 -21.46
CA ASN A 137 7.45 5.76 -22.51
C ASN A 137 6.07 5.60 -21.92
N VAL A 138 5.99 5.12 -20.70
CA VAL A 138 4.70 4.95 -20.05
C VAL A 138 4.40 6.24 -19.34
N LEU A 139 5.40 6.73 -18.63
CA LEU A 139 5.26 7.93 -17.84
C LEU A 139 5.03 9.22 -18.63
N ARG A 140 5.38 9.20 -19.91
CA ARG A 140 5.20 10.41 -20.71
C ARG A 140 3.73 10.71 -20.93
N HIS A 141 2.86 9.72 -20.77
CA HIS A 141 1.43 9.94 -20.95
C HIS A 141 0.75 10.46 -19.70
N PHE A 142 1.52 10.66 -18.64
CA PHE A 142 0.89 11.11 -17.41
C PHE A 142 1.57 12.28 -16.74
N GLY A 143 0.89 12.79 -15.73
CA GLY A 143 1.37 13.92 -14.96
C GLY A 143 2.21 13.42 -13.81
N PRO A 144 2.83 14.33 -13.06
CA PRO A 144 3.66 13.92 -11.94
C PRO A 144 2.97 13.07 -10.89
N PHE A 145 1.77 13.45 -10.48
CA PHE A 145 1.07 12.69 -9.46
C PHE A 145 0.77 11.26 -9.89
N CYS A 146 0.16 11.10 -11.05
CA CYS A 146 -0.18 9.78 -11.54
C CYS A 146 1.10 8.98 -11.76
N SER A 147 2.13 9.62 -12.31
CA SER A 147 3.40 8.91 -12.54
C SER A 147 3.90 8.31 -11.23
N LEU A 148 3.92 9.13 -10.17
CA LEU A 148 4.36 8.67 -8.87
C LEU A 148 3.60 7.41 -8.51
N ASN A 149 2.30 7.41 -8.75
CA ASN A 149 1.49 6.25 -8.44
C ASN A 149 1.92 5.02 -9.24
N LEU A 150 2.19 5.19 -10.53
CA LEU A 150 2.59 4.06 -11.37
C LEU A 150 3.92 3.53 -10.85
N ILE A 151 4.83 4.44 -10.54
CA ILE A 151 6.14 4.06 -10.03
C ILE A 151 6.05 3.24 -8.74
N ARG A 152 5.33 3.78 -7.77
CA ARG A 152 5.17 3.08 -6.50
C ARG A 152 4.58 1.70 -6.70
N SER A 153 3.35 1.64 -7.21
CA SER A 153 2.70 0.36 -7.43
C SER A 153 3.56 -0.69 -8.12
N THR A 154 4.42 -0.26 -9.05
CA THR A 154 5.26 -1.23 -9.73
C THR A 154 6.29 -1.78 -8.75
N LEU A 155 6.87 -0.89 -7.94
CA LEU A 155 7.85 -1.26 -6.92
C LEU A 155 7.14 -2.22 -5.99
N ASP A 156 5.93 -1.85 -5.60
CA ASP A 156 5.12 -2.69 -4.73
C ASP A 156 5.02 -4.09 -5.32
N PHE A 157 4.69 -4.15 -6.60
CA PHE A 157 4.53 -5.39 -7.34
C PHE A 157 5.79 -6.27 -7.25
N PHE A 158 6.95 -5.66 -7.45
CA PHE A 158 8.21 -6.40 -7.40
C PHE A 158 8.33 -7.14 -6.07
N GLU A 159 8.04 -6.43 -4.98
CA GLU A 159 8.10 -7.03 -3.65
C GLU A 159 7.06 -8.14 -3.58
N GLY A 160 5.88 -7.86 -4.09
CA GLY A 160 4.83 -8.86 -4.08
C GLY A 160 5.31 -10.16 -4.69
N CYS A 161 5.93 -10.09 -5.86
CA CYS A 161 6.43 -11.29 -6.54
C CYS A 161 7.49 -12.01 -5.72
N TRP A 162 8.25 -11.23 -4.96
CA TRP A 162 9.29 -11.75 -4.10
C TRP A 162 8.58 -12.58 -3.02
N ILE A 163 7.69 -11.94 -2.27
CA ILE A 163 6.94 -12.62 -1.23
C ILE A 163 6.25 -13.86 -1.81
N GLU A 164 5.76 -13.72 -3.03
CA GLU A 164 5.06 -14.80 -3.72
C GLU A 164 5.93 -16.02 -3.91
N GLN A 165 7.23 -15.79 -4.15
CA GLN A 165 8.13 -16.91 -4.36
C GLN A 165 8.15 -17.86 -3.18
N TYR A 166 7.89 -17.37 -1.99
CA TYR A 166 7.88 -18.23 -0.82
C TYR A 166 6.63 -19.07 -0.71
N ASN A 167 5.72 -18.93 -1.68
CA ASN A 167 4.49 -19.69 -1.68
C ASN A 167 3.91 -19.77 -0.26
N PHE A 168 3.64 -18.61 0.32
CA PHE A 168 3.13 -18.51 1.69
C PHE A 168 1.72 -17.90 1.79
N GLY A 169 0.79 -18.66 2.35
CA GLY A 169 -0.58 -18.17 2.49
C GLY A 169 -0.85 -17.46 3.80
N GLY A 170 0.18 -17.21 4.59
CA GLY A 170 -0.01 -16.53 5.85
C GLY A 170 -0.17 -17.46 7.02
N PHE A 171 0.32 -17.04 8.20
CA PHE A 171 0.22 -17.85 9.41
C PHE A 171 -1.23 -17.82 9.86
N PRO A 172 -1.77 -18.96 10.27
CA PRO A 172 -3.16 -18.94 10.71
C PRO A 172 -3.30 -17.89 11.80
N GLY A 173 -4.34 -17.06 11.69
CA GLY A 173 -4.58 -16.01 12.67
C GLY A 173 -4.02 -14.68 12.22
N SER A 174 -3.23 -14.71 11.16
CA SER A 174 -2.61 -13.53 10.60
C SER A 174 -3.62 -12.88 9.66
N HIS A 175 -4.77 -12.47 10.22
CA HIS A 175 -5.87 -11.89 9.44
C HIS A 175 -5.51 -10.76 8.48
N ASP A 176 -4.52 -9.96 8.82
CA ASP A 176 -4.12 -8.86 7.94
C ASP A 176 -3.23 -9.26 6.78
N TYR A 177 -2.78 -10.51 6.74
CA TYR A 177 -1.88 -10.94 5.68
C TYR A 177 -2.43 -10.95 4.26
N PRO A 178 -3.54 -11.68 4.06
CA PRO A 178 -4.19 -11.81 2.76
C PRO A 178 -4.27 -10.51 1.94
N GLN A 179 -5.09 -9.57 2.37
CA GLN A 179 -5.22 -8.34 1.63
C GLN A 179 -3.91 -7.58 1.50
N PHE A 180 -3.05 -7.74 2.49
CA PHE A 180 -1.74 -7.09 2.47
C PHE A 180 -1.01 -7.57 1.21
N LEU A 181 -1.05 -8.88 1.02
CA LEU A 181 -0.42 -9.50 -0.12
C LEU A 181 -1.13 -9.17 -1.42
N ARG A 182 -2.45 -9.24 -1.42
CA ARG A 182 -3.23 -8.98 -2.63
C ARG A 182 -2.97 -7.59 -3.17
N ARG A 183 -2.89 -6.62 -2.27
CA ARG A 183 -2.64 -5.27 -2.70
C ARG A 183 -1.19 -5.17 -3.13
N MET A 184 -0.32 -5.90 -2.43
CA MET A 184 1.09 -5.82 -2.77
C MET A 184 1.38 -6.23 -4.20
N ASN A 185 0.68 -7.24 -4.71
CA ASN A 185 0.91 -7.73 -6.07
C ASN A 185 -0.26 -7.49 -7.01
N GLY A 186 -1.15 -6.55 -6.65
CA GLY A 186 -2.31 -6.26 -7.47
C GLY A 186 -2.15 -5.13 -8.48
N LEU A 187 -1.13 -4.30 -8.30
CA LEU A 187 -0.89 -3.18 -9.22
C LEU A 187 -2.06 -2.20 -9.18
N GLY A 188 -2.76 -2.20 -8.07
CA GLY A 188 -3.92 -1.35 -7.91
C GLY A 188 -3.71 0.10 -8.30
N HIS A 189 -2.76 0.78 -7.67
CA HIS A 189 -2.54 2.17 -7.99
C HIS A 189 -1.97 2.38 -9.36
N CYS A 190 -1.35 1.36 -9.91
CA CYS A 190 -0.77 1.51 -11.24
C CYS A 190 -1.92 1.60 -12.24
N VAL A 191 -2.84 0.65 -12.12
CA VAL A 191 -4.03 0.59 -12.96
C VAL A 191 -4.77 1.91 -12.77
N GLY A 192 -5.23 2.13 -11.53
CA GLY A 192 -5.98 3.31 -11.17
C GLY A 192 -5.45 4.62 -11.71
N ALA A 193 -4.17 4.88 -11.52
CA ALA A 193 -3.60 6.13 -11.99
C ALA A 193 -3.36 6.14 -13.51
N SER A 194 -3.17 4.97 -14.11
CA SER A 194 -2.91 4.90 -15.54
C SER A 194 -4.14 5.21 -16.40
N LEU A 195 -5.30 5.33 -15.75
CA LEU A 195 -6.56 5.64 -16.42
C LEU A 195 -6.71 7.13 -16.77
N TRP A 196 -5.78 7.96 -16.33
CA TRP A 196 -5.89 9.39 -16.57
C TRP A 196 -4.76 10.09 -17.30
N PRO A 197 -4.63 9.84 -18.61
CA PRO A 197 -3.56 10.47 -19.40
C PRO A 197 -3.62 12.00 -19.28
N LYS A 198 -2.46 12.66 -19.27
CA LYS A 198 -2.47 14.11 -19.13
C LYS A 198 -2.96 14.82 -20.40
N GLU A 199 -3.27 14.02 -21.41
CA GLU A 199 -3.75 14.57 -22.66
C GLU A 199 -5.25 14.72 -22.60
N GLN A 200 -5.94 13.93 -21.78
CA GLN A 200 -7.38 14.06 -21.69
C GLN A 200 -7.82 14.57 -20.33
N PHE A 201 -6.91 14.52 -19.35
CA PHE A 201 -7.27 14.98 -18.00
C PHE A 201 -6.23 15.89 -17.39
N ASN A 202 -6.62 16.52 -16.29
CA ASN A 202 -5.75 17.44 -15.57
C ASN A 202 -5.68 17.03 -14.10
N GLU A 203 -4.56 16.42 -13.71
CA GLU A 203 -4.34 15.93 -12.33
C GLU A 203 -4.71 16.96 -11.28
N ARG A 204 -4.21 18.18 -11.47
CA ARG A 204 -4.45 19.26 -10.54
C ARG A 204 -5.93 19.60 -10.55
N SER A 205 -6.55 19.62 -11.72
CA SER A 205 -7.97 19.96 -11.80
C SER A 205 -8.87 18.87 -11.23
N LEU A 206 -8.50 17.62 -11.44
CA LEU A 206 -9.32 16.53 -10.93
C LEU A 206 -8.58 15.71 -9.89
N PHE A 207 -7.70 16.38 -9.14
CA PHE A 207 -6.91 15.69 -8.13
C PHE A 207 -7.79 14.87 -7.19
N LEU A 208 -8.82 15.50 -6.64
CA LEU A 208 -9.66 14.79 -5.70
C LEU A 208 -10.34 13.58 -6.33
N GLU A 209 -10.91 13.76 -7.51
CA GLU A 209 -11.57 12.63 -8.13
C GLU A 209 -10.57 11.56 -8.56
N ILE A 210 -9.43 11.96 -9.11
CA ILE A 210 -8.41 10.98 -9.52
C ILE A 210 -7.92 10.20 -8.31
N THR A 211 -7.58 10.90 -7.24
CA THR A 211 -7.11 10.26 -6.01
C THR A 211 -8.17 9.27 -5.53
N SER A 212 -9.42 9.70 -5.52
CA SER A 212 -10.51 8.84 -5.08
C SER A 212 -10.64 7.64 -6.02
N ALA A 213 -10.43 7.87 -7.30
CA ALA A 213 -10.54 6.80 -8.28
C ALA A 213 -9.50 5.72 -7.96
N ILE A 214 -8.27 6.15 -7.74
CA ILE A 214 -7.20 5.23 -7.41
C ILE A 214 -7.57 4.43 -6.18
N ALA A 215 -7.97 5.15 -5.13
CA ALA A 215 -8.34 4.51 -3.87
C ALA A 215 -9.40 3.42 -4.02
N GLN A 216 -10.39 3.67 -4.86
CA GLN A 216 -11.47 2.72 -5.06
C GLN A 216 -11.24 1.70 -6.16
N MET A 217 -10.61 2.13 -7.23
CA MET A 217 -10.36 1.21 -8.31
C MET A 217 -9.46 0.07 -7.83
N GLU A 218 -8.46 0.39 -7.01
CA GLU A 218 -7.54 -0.62 -6.49
C GLU A 218 -8.22 -1.88 -6.00
N ASN A 219 -9.21 -1.75 -5.14
CA ASN A 219 -9.89 -2.93 -4.61
C ASN A 219 -10.89 -3.55 -5.58
N TRP A 220 -11.58 -2.72 -6.36
CA TRP A 220 -12.55 -3.25 -7.30
C TRP A 220 -11.83 -4.15 -8.31
N MET A 221 -10.77 -3.59 -8.90
CA MET A 221 -10.00 -4.28 -9.91
C MET A 221 -9.42 -5.63 -9.48
N VAL A 222 -8.88 -5.71 -8.27
CA VAL A 222 -8.30 -6.96 -7.80
C VAL A 222 -9.36 -7.97 -7.39
N TRP A 223 -10.40 -7.50 -6.69
CA TRP A 223 -11.47 -8.38 -6.25
C TRP A 223 -12.30 -8.94 -7.40
N VAL A 224 -12.54 -8.12 -8.43
CA VAL A 224 -13.30 -8.61 -9.56
C VAL A 224 -12.52 -9.74 -10.22
N ASN A 225 -11.20 -9.61 -10.26
CA ASN A 225 -10.42 -10.68 -10.83
C ASN A 225 -10.48 -11.90 -9.91
N ASP A 226 -10.10 -11.73 -8.66
CA ASP A 226 -10.13 -12.84 -7.72
C ASP A 226 -11.46 -13.58 -7.84
N LEU A 227 -12.51 -12.84 -8.17
CA LEU A 227 -13.85 -13.41 -8.33
C LEU A 227 -13.99 -14.19 -9.63
N MET A 228 -13.89 -13.47 -10.74
CA MET A 228 -14.02 -14.09 -12.05
C MET A 228 -12.90 -15.09 -12.33
N SER A 229 -11.82 -14.96 -11.60
CA SER A 229 -10.67 -15.83 -11.77
C SER A 229 -10.84 -17.07 -10.90
N PHE A 230 -11.79 -17.03 -9.98
CA PHE A 230 -12.06 -18.14 -9.07
C PHE A 230 -12.37 -19.45 -9.77
N TYR A 231 -12.94 -19.37 -10.97
CA TYR A 231 -13.29 -20.59 -11.69
C TYR A 231 -12.07 -21.30 -12.25
N LYS A 232 -11.15 -20.55 -12.84
CA LYS A 232 -9.94 -21.17 -13.40
C LYS A 232 -9.04 -21.67 -12.26
N GLU A 233 -8.99 -20.90 -11.17
CA GLU A 233 -8.14 -21.23 -10.03
C GLU A 233 -8.69 -22.30 -9.07
N PHE A 234 -9.97 -22.63 -9.21
CA PHE A 234 -10.61 -23.60 -8.34
C PHE A 234 -9.84 -24.91 -8.19
N ASP A 235 -9.63 -25.60 -9.30
CA ASP A 235 -8.93 -26.88 -9.26
C ASP A 235 -7.44 -26.82 -9.56
N ASP A 236 -6.92 -25.65 -9.88
CA ASP A 236 -5.51 -25.55 -10.19
C ASP A 236 -4.62 -25.75 -8.97
N GLU A 237 -4.23 -27.01 -8.71
CA GLU A 237 -3.38 -27.32 -7.57
C GLU A 237 -2.04 -26.60 -7.60
N ARG A 238 -1.73 -25.94 -8.71
CA ARG A 238 -0.47 -25.21 -8.81
C ARG A 238 -0.62 -23.86 -8.15
N ASP A 239 -1.77 -23.23 -8.37
CA ASP A 239 -2.09 -21.91 -7.81
C ASP A 239 -2.55 -22.19 -6.38
N GLN A 240 -1.69 -21.95 -5.41
CA GLN A 240 -2.04 -22.25 -4.03
C GLN A 240 -2.16 -21.04 -3.11
N ILE A 241 -1.65 -19.89 -3.55
CA ILE A 241 -1.72 -18.70 -2.71
C ILE A 241 -2.51 -17.54 -3.31
N SER A 242 -3.80 -17.76 -3.53
CA SER A 242 -4.67 -16.72 -4.05
C SER A 242 -5.35 -16.05 -2.86
N LEU A 243 -5.95 -14.88 -3.08
CA LEU A 243 -6.64 -14.16 -2.01
C LEU A 243 -7.62 -15.04 -1.24
N VAL A 244 -8.56 -15.63 -1.95
CA VAL A 244 -9.54 -16.50 -1.32
C VAL A 244 -8.87 -17.63 -0.57
N LYS A 245 -7.97 -18.35 -1.23
CA LYS A 245 -7.26 -19.45 -0.60
C LYS A 245 -6.53 -19.03 0.66
N ASN A 246 -5.99 -17.82 0.67
CA ASN A 246 -5.26 -17.32 1.84
C ASN A 246 -6.26 -16.94 2.94
N TYR A 247 -7.44 -16.43 2.56
CA TYR A 247 -8.43 -16.09 3.58
C TYR A 247 -8.63 -17.36 4.40
N VAL A 248 -8.80 -18.46 3.70
CA VAL A 248 -8.99 -19.76 4.33
C VAL A 248 -7.88 -20.11 5.32
N VAL A 249 -6.64 -20.05 4.84
CA VAL A 249 -5.47 -20.36 5.64
C VAL A 249 -5.20 -19.40 6.79
N SER A 250 -5.31 -18.11 6.52
CA SER A 250 -5.05 -17.09 7.53
C SER A 250 -6.21 -16.83 8.49
N ASP A 251 -7.43 -16.74 7.97
CA ASP A 251 -8.59 -16.49 8.82
C ASP A 251 -9.18 -17.78 9.36
N GLU A 252 -8.62 -18.91 8.92
CA GLU A 252 -9.09 -20.23 9.34
C GLU A 252 -10.59 -20.34 9.15
N ILE A 253 -11.04 -20.20 7.91
CA ILE A 253 -12.45 -20.28 7.57
C ILE A 253 -12.61 -21.23 6.40
N SER A 254 -13.85 -21.59 6.08
CA SER A 254 -14.10 -22.53 4.98
C SER A 254 -13.92 -21.86 3.64
N LEU A 255 -13.62 -22.66 2.62
CA LEU A 255 -13.44 -22.11 1.29
C LEU A 255 -14.69 -21.35 0.88
N HIS A 256 -15.83 -21.75 1.43
CA HIS A 256 -17.07 -21.09 1.09
C HIS A 256 -17.15 -19.74 1.81
N GLU A 257 -16.90 -19.74 3.12
CA GLU A 257 -16.93 -18.53 3.92
C GLU A 257 -16.03 -17.49 3.27
N ALA A 258 -14.87 -17.94 2.81
CA ALA A 258 -13.89 -17.07 2.16
C ALA A 258 -14.47 -16.51 0.86
N LEU A 259 -15.08 -17.38 0.07
CA LEU A 259 -15.67 -17.00 -1.20
C LEU A 259 -16.78 -15.97 -0.95
N GLU A 260 -17.42 -16.09 0.21
CA GLU A 260 -18.49 -15.19 0.62
C GLU A 260 -17.87 -13.86 0.98
N LYS A 261 -16.75 -13.90 1.70
CA LYS A 261 -16.09 -12.67 2.08
C LYS A 261 -15.81 -11.88 0.81
N LEU A 262 -15.27 -12.56 -0.19
CA LEU A 262 -14.94 -11.93 -1.47
C LEU A 262 -16.14 -11.30 -2.16
N THR A 263 -17.16 -12.10 -2.45
CA THR A 263 -18.35 -11.61 -3.12
C THR A 263 -18.93 -10.35 -2.45
N GLN A 264 -18.99 -10.34 -1.12
CA GLN A 264 -19.50 -9.19 -0.39
C GLN A 264 -18.70 -7.94 -0.71
N ASP A 265 -17.38 -8.03 -0.56
CA ASP A 265 -16.54 -6.89 -0.83
C ASP A 265 -16.70 -6.46 -2.27
N THR A 266 -16.63 -7.41 -3.19
CA THR A 266 -16.76 -7.12 -4.61
C THR A 266 -18.02 -6.32 -4.92
N LEU A 267 -19.15 -6.80 -4.42
CA LEU A 267 -20.41 -6.11 -4.67
C LEU A 267 -20.38 -4.72 -4.04
N HIS A 268 -20.13 -4.66 -2.74
CA HIS A 268 -20.09 -3.37 -2.04
C HIS A 268 -19.20 -2.38 -2.80
N SER A 269 -18.01 -2.82 -3.20
CA SER A 269 -17.09 -1.96 -3.92
C SER A 269 -17.78 -1.43 -5.14
N SER A 270 -18.39 -2.33 -5.91
CA SER A 270 -19.10 -1.96 -7.12
C SER A 270 -20.14 -0.89 -6.83
N LYS A 271 -21.05 -1.18 -5.90
CA LYS A 271 -22.08 -0.22 -5.54
C LYS A 271 -21.49 1.16 -5.25
N GLN A 272 -20.63 1.25 -4.25
CA GLN A 272 -20.02 2.52 -3.90
C GLN A 272 -19.26 3.17 -5.07
N MET A 273 -18.69 2.35 -5.93
CA MET A 273 -17.95 2.85 -7.09
C MET A 273 -18.91 3.71 -7.90
N VAL A 274 -20.10 3.15 -8.16
CA VAL A 274 -21.12 3.84 -8.93
C VAL A 274 -21.66 5.00 -8.12
N ALA A 275 -22.05 4.73 -6.88
CA ALA A 275 -22.57 5.78 -6.02
C ALA A 275 -21.68 7.04 -6.04
N VAL A 276 -20.39 6.86 -5.88
CA VAL A 276 -19.47 8.00 -5.84
C VAL A 276 -19.24 8.75 -7.14
N PHE A 277 -19.01 8.02 -8.22
CA PHE A 277 -18.70 8.67 -9.48
C PHE A 277 -19.80 9.05 -10.45
N SER A 278 -21.01 8.53 -10.24
CA SER A 278 -22.12 8.86 -11.15
C SER A 278 -22.28 10.37 -11.33
N ASP A 279 -22.53 11.08 -10.23
CA ASP A 279 -22.73 12.52 -10.26
C ASP A 279 -21.44 13.31 -10.24
N LYS A 280 -20.38 12.76 -10.82
CA LYS A 280 -19.10 13.47 -10.84
C LYS A 280 -18.81 13.85 -12.28
N ASP A 281 -17.67 14.50 -12.51
CA ASP A 281 -17.31 14.90 -13.87
C ASP A 281 -17.66 13.79 -14.85
N PRO A 282 -18.55 14.06 -15.79
CA PRO A 282 -18.95 13.05 -16.77
C PRO A 282 -17.80 12.31 -17.42
N GLN A 283 -16.78 13.05 -17.87
CA GLN A 283 -15.63 12.42 -18.51
C GLN A 283 -14.95 11.38 -17.59
N VAL A 284 -15.02 11.62 -16.29
CA VAL A 284 -14.43 10.69 -15.33
C VAL A 284 -15.29 9.43 -15.31
N MET A 285 -16.52 9.54 -14.81
CA MET A 285 -17.42 8.40 -14.72
C MET A 285 -17.34 7.55 -15.98
N ASP A 286 -17.10 8.22 -17.11
CA ASP A 286 -17.02 7.52 -18.38
C ASP A 286 -15.83 6.57 -18.43
N THR A 287 -14.64 7.09 -18.14
CA THR A 287 -13.41 6.29 -18.14
C THR A 287 -13.55 5.17 -17.13
N ILE A 288 -14.16 5.49 -16.00
CA ILE A 288 -14.37 4.54 -14.93
C ILE A 288 -15.36 3.46 -15.35
N GLU A 289 -16.46 3.86 -15.96
CA GLU A 289 -17.45 2.89 -16.38
C GLU A 289 -16.89 2.03 -17.50
N CYS A 290 -16.18 2.66 -18.42
CA CYS A 290 -15.62 1.87 -19.51
C CYS A 290 -14.62 0.83 -18.99
N PHE A 291 -13.74 1.24 -18.08
CA PHE A 291 -12.77 0.29 -17.52
C PHE A 291 -13.49 -0.92 -16.90
N MET A 292 -14.47 -0.66 -16.06
CA MET A 292 -15.21 -1.73 -15.40
C MET A 292 -15.85 -2.70 -16.38
N HIS A 293 -16.56 -2.16 -17.35
CA HIS A 293 -17.23 -3.00 -18.33
C HIS A 293 -16.22 -3.74 -19.17
N GLY A 294 -15.20 -3.01 -19.64
CA GLY A 294 -14.17 -3.64 -20.45
C GLY A 294 -13.43 -4.72 -19.68
N TYR A 295 -13.16 -4.46 -18.41
CA TYR A 295 -12.47 -5.40 -17.55
C TYR A 295 -13.27 -6.69 -17.47
N VAL A 296 -14.59 -6.58 -17.36
CA VAL A 296 -15.44 -7.76 -17.27
C VAL A 296 -15.57 -8.46 -18.62
N THR A 297 -15.58 -7.67 -19.69
CA THR A 297 -15.67 -8.20 -21.04
C THR A 297 -14.48 -9.11 -21.27
N TRP A 298 -13.28 -8.56 -21.06
CA TRP A 298 -12.03 -9.27 -21.25
C TRP A 298 -11.95 -10.54 -20.42
N HIS A 299 -12.45 -10.51 -19.20
CA HIS A 299 -12.41 -11.71 -18.38
C HIS A 299 -13.27 -12.77 -19.03
N LEU A 300 -14.46 -12.37 -19.46
CA LEU A 300 -15.39 -13.29 -20.10
C LEU A 300 -14.89 -13.81 -21.44
N CYS A 301 -14.07 -13.01 -22.11
CA CYS A 301 -13.54 -13.39 -23.42
C CYS A 301 -12.20 -14.12 -23.47
N ASP A 302 -11.25 -13.76 -22.62
CA ASP A 302 -9.94 -14.41 -22.66
C ASP A 302 -10.05 -15.86 -22.21
N ARG A 303 -9.54 -16.77 -23.03
CA ARG A 303 -9.59 -18.19 -22.71
C ARG A 303 -8.88 -18.49 -21.40
N ARG A 304 -7.97 -17.59 -21.01
CA ARG A 304 -7.19 -17.69 -19.77
C ARG A 304 -8.08 -18.01 -18.57
N TYR A 305 -9.30 -17.50 -18.58
CA TYR A 305 -10.21 -17.69 -17.46
C TYR A 305 -11.26 -18.78 -17.65
N ARG A 306 -11.16 -19.47 -18.78
CA ARG A 306 -12.06 -20.57 -19.12
C ARG A 306 -13.52 -20.41 -18.73
N LEU A 307 -14.04 -19.18 -18.86
CA LEU A 307 -15.43 -18.91 -18.51
C LEU A 307 -16.40 -19.50 -19.52
N SER A 308 -15.90 -19.81 -20.70
CA SER A 308 -16.73 -20.40 -21.75
C SER A 308 -17.24 -21.75 -21.28
N GLU A 309 -16.50 -22.38 -20.38
CA GLU A 309 -16.89 -23.68 -19.86
C GLU A 309 -18.14 -23.63 -19.00
N ILE A 310 -18.31 -22.56 -18.22
CA ILE A 310 -19.51 -22.45 -17.39
C ILE A 310 -20.68 -21.95 -18.23
N TYR A 311 -20.37 -21.46 -19.43
CA TYR A 311 -21.40 -20.99 -20.34
C TYR A 311 -22.17 -22.20 -20.86
N GLU A 312 -21.43 -23.22 -21.27
CA GLU A 312 -22.02 -24.44 -21.80
C GLU A 312 -22.95 -25.12 -20.78
N LYS A 313 -22.48 -25.25 -19.54
CA LYS A 313 -23.25 -25.89 -18.50
C LYS A 313 -24.62 -25.24 -18.25
N VAL A 314 -24.65 -23.92 -18.10
CA VAL A 314 -25.90 -23.22 -17.83
C VAL A 314 -26.55 -22.61 -19.08
N LYS A 315 -25.99 -22.95 -20.23
CA LYS A 315 -26.46 -22.46 -21.53
C LYS A 315 -27.96 -22.69 -21.75
N GLU A 316 -28.38 -23.95 -21.60
CA GLU A 316 -29.76 -24.34 -21.83
C GLU A 316 -30.55 -24.36 -20.53
N GLU A 317 -29.96 -24.09 -19.40
CA GLU A 317 -30.65 -24.09 -18.12
C GLU A 317 -31.63 -22.90 -18.14
N LYS A 318 -32.84 -23.12 -17.60
CA LYS A 318 -33.86 -22.10 -17.71
C LYS A 318 -34.09 -21.43 -16.37
N THR A 319 -33.15 -21.09 -15.66
CA THR A 319 -33.33 -20.35 -14.40
C THR A 319 -33.08 -18.86 -14.68
N GLU A 320 -33.23 -18.01 -13.67
CA GLU A 320 -33.01 -16.58 -13.92
C GLU A 320 -31.53 -16.31 -14.14
N ASP A 321 -30.76 -16.49 -13.06
CA ASP A 321 -29.32 -16.26 -13.09
C ASP A 321 -28.69 -16.88 -14.33
N ALA A 322 -28.76 -18.20 -14.46
CA ALA A 322 -28.18 -18.89 -15.60
C ALA A 322 -28.42 -18.08 -16.87
N GLN A 323 -29.65 -17.61 -17.05
CA GLN A 323 -29.99 -16.83 -18.22
C GLN A 323 -29.40 -15.43 -18.27
N LYS A 324 -29.54 -14.69 -17.17
CA LYS A 324 -28.97 -13.34 -17.11
C LYS A 324 -27.49 -13.40 -17.43
N PHE A 325 -26.83 -14.46 -16.96
CA PHE A 325 -25.41 -14.65 -17.21
C PHE A 325 -25.19 -14.81 -18.71
N CYS A 326 -25.71 -15.91 -19.27
CA CYS A 326 -25.57 -16.20 -20.70
C CYS A 326 -25.89 -14.99 -21.59
N LYS A 327 -26.89 -14.18 -21.18
CA LYS A 327 -27.19 -12.99 -21.95
C LYS A 327 -26.00 -12.03 -21.95
N PHE A 328 -25.51 -11.79 -20.71
CA PHE A 328 -24.34 -10.94 -20.52
C PHE A 328 -23.16 -11.47 -21.33
N TYR A 329 -22.89 -12.76 -21.17
CA TYR A 329 -21.80 -13.42 -21.88
C TYR A 329 -21.93 -13.16 -23.37
N GLU A 330 -23.03 -13.64 -23.93
CA GLU A 330 -23.29 -13.47 -25.35
C GLU A 330 -23.07 -12.00 -25.73
N GLN A 331 -23.49 -11.10 -24.85
CA GLN A 331 -23.29 -9.67 -25.10
C GLN A 331 -21.83 -9.40 -25.41
N ALA A 332 -20.99 -9.68 -24.41
CA ALA A 332 -19.54 -9.48 -24.50
C ALA A 332 -18.97 -10.17 -25.72
N ALA A 333 -19.38 -11.42 -25.90
CA ALA A 333 -18.92 -12.22 -27.02
C ALA A 333 -18.94 -11.44 -28.34
N ASN A 334 -20.09 -10.86 -28.67
CA ASN A 334 -20.27 -10.10 -29.91
C ASN A 334 -19.31 -8.97 -30.15
N VAL A 335 -18.75 -8.43 -29.08
CA VAL A 335 -17.81 -7.34 -29.23
C VAL A 335 -16.38 -7.74 -28.87
N GLY A 336 -16.26 -8.70 -27.95
CA GLY A 336 -14.94 -9.13 -27.49
C GLY A 336 -14.35 -10.39 -28.08
N ALA A 337 -15.19 -11.29 -28.57
CA ALA A 337 -14.68 -12.52 -29.17
C ALA A 337 -14.01 -12.21 -30.50
N VAL A 338 -12.68 -12.25 -30.50
CA VAL A 338 -11.91 -11.95 -31.69
C VAL A 338 -10.75 -12.91 -31.85
N SER A 339 -10.71 -13.59 -33.00
CA SER A 339 -9.64 -14.53 -33.29
C SER A 339 -8.31 -13.80 -33.33
N PRO A 340 -7.35 -14.25 -32.52
CA PRO A 340 -6.02 -13.63 -32.46
C PRO A 340 -5.45 -13.39 -33.84
N SER A 341 -5.75 -14.30 -34.77
CA SER A 341 -5.24 -14.18 -36.11
C SER A 341 -5.58 -12.83 -36.74
N GLU A 342 -6.57 -12.14 -36.19
CA GLU A 342 -6.97 -10.85 -36.73
C GLU A 342 -6.15 -9.67 -36.25
N TRP A 343 -5.36 -9.86 -35.19
CA TRP A 343 -4.55 -8.76 -34.66
C TRP A 343 -3.16 -9.11 -34.14
N ALA A 344 -3.03 -10.25 -33.47
CA ALA A 344 -1.75 -10.69 -32.89
C ALA A 344 -0.81 -11.33 -33.89
N TYR A 345 -0.11 -10.52 -34.70
CA TYR A 345 0.80 -11.08 -35.69
C TYR A 345 1.78 -10.04 -36.21
N PRO A 346 2.98 -10.49 -36.63
CA PRO A 346 3.38 -11.90 -36.60
C PRO A 346 3.70 -12.23 -35.17
N PRO A 347 4.18 -13.46 -34.91
CA PRO A 347 4.50 -13.76 -33.51
C PRO A 347 5.81 -13.10 -33.08
N VAL A 348 5.93 -12.79 -31.79
CA VAL A 348 7.12 -12.12 -31.30
C VAL A 348 8.39 -12.84 -31.69
N ALA A 349 8.37 -14.17 -31.55
CA ALA A 349 9.50 -14.99 -31.91
C ALA A 349 10.00 -14.64 -33.31
N GLN A 350 9.06 -14.54 -34.24
CA GLN A 350 9.38 -14.22 -35.63
C GLN A 350 10.07 -12.90 -35.82
N LEU A 351 9.57 -11.85 -35.20
CA LEU A 351 10.20 -10.55 -35.34
C LEU A 351 11.59 -10.63 -34.76
N ALA A 352 11.71 -11.34 -33.65
CA ALA A 352 12.98 -11.51 -32.97
C ALA A 352 14.00 -12.26 -33.82
N ASN A 353 13.57 -13.39 -34.35
CA ASN A 353 14.43 -14.23 -35.16
C ASN A 353 15.06 -13.53 -36.36
N VAL A 354 14.41 -12.47 -36.85
CA VAL A 354 14.93 -11.73 -37.99
C VAL A 354 16.17 -10.92 -37.58
N MET B 1 -20.93 14.58 19.62
CA MET B 1 -20.89 15.90 20.25
C MET B 1 -19.60 16.64 19.92
N GLU B 2 -19.36 17.77 20.62
CA GLU B 2 -18.14 18.56 20.41
C GLU B 2 -17.40 18.46 21.72
N ASN B 3 -17.72 17.39 22.45
CA ASN B 3 -17.14 17.10 23.75
C ASN B 3 -15.95 16.16 23.58
N PHE B 4 -16.00 15.02 24.26
CA PHE B 4 -14.93 14.04 24.15
C PHE B 4 -15.20 12.82 25.04
N PRO B 5 -15.52 11.68 24.40
CA PRO B 5 -15.81 10.37 25.02
C PRO B 5 -14.74 9.88 25.97
N THR B 6 -14.30 10.69 26.88
CA THR B 6 -13.26 10.40 27.84
C THR B 6 -13.41 9.01 28.41
N GLU B 7 -14.62 8.52 28.64
CA GLU B 7 -14.87 7.22 29.25
C GLU B 7 -14.46 6.09 28.31
N TYR B 8 -15.07 6.04 27.09
CA TYR B 8 -14.76 4.98 26.13
C TYR B 8 -13.24 4.99 25.91
N PHE B 9 -12.68 6.19 25.87
CA PHE B 9 -11.24 6.38 25.64
C PHE B 9 -10.42 5.57 26.64
N LEU B 10 -10.69 5.80 27.94
CA LEU B 10 -9.98 5.09 29.01
C LEU B 10 -10.16 3.57 28.89
N ASN B 11 -11.40 3.13 28.75
CA ASN B 11 -11.74 1.71 28.64
C ASN B 11 -10.92 1.05 27.52
N THR B 12 -11.15 1.53 26.30
CA THR B 12 -10.46 1.03 25.13
C THR B 12 -8.95 0.93 25.38
N THR B 13 -8.37 2.01 25.89
CA THR B 13 -6.94 2.06 26.15
C THR B 13 -6.47 0.94 27.06
N VAL B 14 -7.23 0.67 28.13
CA VAL B 14 -6.87 -0.39 29.06
C VAL B 14 -6.88 -1.72 28.32
N ARG B 15 -8.02 -2.03 27.72
CA ARG B 15 -8.21 -3.25 26.94
C ARG B 15 -6.99 -3.43 26.05
N LEU B 16 -6.53 -2.32 25.50
CA LEU B 16 -5.38 -2.26 24.60
C LEU B 16 -4.08 -2.71 25.29
N LEU B 17 -3.71 -2.01 26.36
CA LEU B 17 -2.49 -2.34 27.11
C LEU B 17 -2.59 -3.73 27.74
N GLU B 18 -3.81 -4.17 27.96
CA GLU B 18 -4.04 -5.49 28.54
C GLU B 18 -3.74 -6.53 27.47
N TYR B 19 -4.44 -6.42 26.33
CA TYR B 19 -4.25 -7.34 25.21
C TYR B 19 -2.76 -7.48 24.87
N ILE B 20 -2.07 -6.34 24.73
CA ILE B 20 -0.65 -6.30 24.39
C ILE B 20 0.20 -6.83 25.54
N ARG B 21 -0.38 -6.96 26.74
CA ARG B 21 0.33 -7.44 27.94
C ARG B 21 1.23 -6.34 28.51
N TYR B 22 0.72 -5.11 28.54
CA TYR B 22 1.49 -3.98 29.04
C TYR B 22 2.05 -4.18 30.45
N ARG B 23 3.29 -4.68 30.52
CA ARG B 23 3.95 -4.93 31.80
C ARG B 23 5.32 -4.25 31.84
N ASP B 24 5.93 -4.21 33.02
CA ASP B 24 7.24 -3.58 33.20
C ASP B 24 8.34 -4.24 32.38
N SER B 25 9.38 -3.48 32.08
CA SER B 25 10.50 -3.99 31.29
C SER B 25 11.82 -3.84 32.04
N ASN B 26 12.87 -4.47 31.51
CA ASN B 26 14.20 -4.38 32.12
C ASN B 26 14.97 -3.24 31.43
N TYR B 27 14.21 -2.32 30.83
CA TYR B 27 14.72 -1.15 30.12
C TYR B 27 14.62 0.02 31.11
N THR B 28 15.67 0.18 31.91
CA THR B 28 15.74 1.20 32.95
C THR B 28 15.80 2.63 32.46
N ARG B 29 15.46 3.55 33.34
CA ARG B 29 15.47 4.98 33.00
C ARG B 29 16.89 5.43 32.66
N GLU B 30 17.87 4.81 33.29
CA GLU B 30 19.25 5.15 33.02
C GLU B 30 19.54 4.77 31.58
N GLU B 31 19.04 3.60 31.18
CA GLU B 31 19.22 3.09 29.82
C GLU B 31 18.48 3.96 28.81
N ARG B 32 17.21 4.27 29.11
CA ARG B 32 16.40 5.10 28.23
C ARG B 32 17.15 6.39 27.98
N ILE B 33 17.61 7.00 29.06
CA ILE B 33 18.32 8.24 28.96
C ILE B 33 19.63 8.10 28.18
N GLU B 34 20.36 7.03 28.41
CA GLU B 34 21.61 6.84 27.71
C GLU B 34 21.34 6.84 26.20
N ASN B 35 20.30 6.12 25.78
CA ASN B 35 19.91 6.05 24.36
C ASN B 35 19.34 7.38 23.83
N LEU B 36 18.40 7.95 24.59
CA LEU B 36 17.81 9.22 24.20
C LEU B 36 18.91 10.20 23.77
N HIS B 37 19.80 10.52 24.69
CA HIS B 37 20.88 11.44 24.38
C HIS B 37 21.78 10.97 23.21
N TYR B 38 22.02 9.67 23.10
CA TYR B 38 22.88 9.22 22.01
C TYR B 38 22.22 9.57 20.69
N ALA B 39 21.01 9.05 20.51
CA ALA B 39 20.24 9.30 19.30
C ALA B 39 20.12 10.81 19.07
N TYR B 40 19.54 11.51 20.03
CA TYR B 40 19.39 12.96 19.89
C TYR B 40 20.68 13.66 19.45
N ASN B 41 21.78 13.35 20.11
CA ASN B 41 23.04 14.00 19.79
C ASN B 41 23.49 13.80 18.34
N LYS B 42 23.38 12.58 17.83
CA LYS B 42 23.79 12.31 16.46
C LYS B 42 22.93 13.09 15.47
N ALA B 43 21.61 12.99 15.68
CA ALA B 43 20.63 13.67 14.86
C ALA B 43 20.84 15.18 14.91
N ALA B 44 20.90 15.73 16.12
CA ALA B 44 21.08 17.16 16.30
C ALA B 44 22.27 17.66 15.46
N HIS B 45 23.39 16.95 15.56
CA HIS B 45 24.58 17.34 14.82
C HIS B 45 24.32 17.28 13.33
N HIS B 46 23.46 16.33 12.92
CA HIS B 46 23.12 16.16 11.51
C HIS B 46 22.28 17.31 11.00
N PHE B 47 21.14 17.55 11.65
CA PHE B 47 20.26 18.61 11.22
C PHE B 47 20.87 19.99 11.42
N ALA B 48 22.04 20.04 12.03
CA ALA B 48 22.68 21.32 12.28
C ALA B 48 23.68 21.66 11.19
N GLN B 49 23.88 20.72 10.28
CA GLN B 49 24.82 20.93 9.19
C GLN B 49 24.25 21.99 8.26
N PRO B 50 25.13 22.84 7.71
CA PRO B 50 24.72 23.91 6.79
C PRO B 50 23.82 23.45 5.65
N ARG B 51 24.23 22.42 4.93
CA ARG B 51 23.43 21.90 3.82
C ARG B 51 22.03 21.55 4.31
N GLN B 52 21.95 20.81 5.41
CA GLN B 52 20.65 20.42 5.94
C GLN B 52 19.91 21.67 6.36
N GLN B 53 20.60 22.55 7.08
CA GLN B 53 19.99 23.79 7.56
C GLN B 53 19.39 24.60 6.41
N GLN B 54 20.01 24.52 5.24
CA GLN B 54 19.53 25.24 4.06
C GLN B 54 18.35 24.59 3.38
N LEU B 55 18.59 23.42 2.82
CA LEU B 55 17.55 22.71 2.09
C LEU B 55 16.28 22.38 2.87
N LEU B 56 16.40 22.08 4.15
CA LEU B 56 15.21 21.72 4.92
C LEU B 56 14.59 23.00 5.47
N LYS B 57 13.50 23.46 4.87
CA LYS B 57 12.86 24.68 5.36
C LYS B 57 11.89 24.37 6.47
N VAL B 58 12.34 24.58 7.71
CA VAL B 58 11.50 24.28 8.86
C VAL B 58 11.76 25.32 9.93
N ASP B 59 10.73 25.65 10.69
CA ASP B 59 10.93 26.61 11.76
C ASP B 59 11.82 25.92 12.80
N PRO B 60 12.93 26.56 13.18
CA PRO B 60 13.86 26.00 14.15
C PRO B 60 13.15 25.34 15.34
N LYS B 61 12.21 26.07 15.94
CA LYS B 61 11.46 25.58 17.08
C LYS B 61 10.80 24.25 16.76
N ARG B 62 10.17 24.17 15.60
CA ARG B 62 9.49 22.93 15.25
C ARG B 62 10.48 21.79 14.97
N LEU B 63 11.58 22.10 14.30
CA LEU B 63 12.56 21.06 14.01
C LEU B 63 13.01 20.48 15.34
N GLN B 64 13.23 21.37 16.30
CA GLN B 64 13.68 20.99 17.62
C GLN B 64 12.65 20.07 18.29
N ALA B 65 11.42 20.56 18.39
CA ALA B 65 10.33 19.80 19.00
C ALA B 65 10.08 18.47 18.30
N SER B 66 10.14 18.50 16.97
CA SER B 66 9.90 17.30 16.19
C SER B 66 11.00 16.28 16.41
N LEU B 67 12.25 16.75 16.33
CA LEU B 67 13.41 15.88 16.54
C LEU B 67 13.30 15.17 17.88
N GLN B 68 12.89 15.91 18.91
CA GLN B 68 12.74 15.33 20.23
C GLN B 68 11.59 14.33 20.25
N THR B 69 10.49 14.67 19.59
CA THR B 69 9.36 13.75 19.58
C THR B 69 9.74 12.46 18.86
N ILE B 70 10.58 12.57 17.84
CA ILE B 70 10.98 11.38 17.10
C ILE B 70 11.97 10.53 17.88
N VAL B 71 13.05 11.13 18.35
CA VAL B 71 14.06 10.38 19.09
C VAL B 71 13.36 9.58 20.18
N GLY B 72 12.43 10.22 20.88
CA GLY B 72 11.71 9.54 21.93
C GLY B 72 10.99 8.31 21.42
N MET B 73 10.16 8.49 20.40
CA MET B 73 9.41 7.38 19.83
C MET B 73 10.30 6.20 19.46
N VAL B 74 11.42 6.50 18.82
CA VAL B 74 12.34 5.47 18.37
C VAL B 74 12.99 4.74 19.51
N VAL B 75 13.66 5.50 20.37
CA VAL B 75 14.36 4.92 21.52
C VAL B 75 13.43 4.07 22.40
N TYR B 76 12.21 4.53 22.59
CA TYR B 76 11.25 3.80 23.41
C TYR B 76 10.62 2.60 22.73
N SER B 77 10.68 2.54 21.40
CA SER B 77 10.07 1.44 20.65
C SER B 77 11.01 0.44 19.97
N TRP B 78 12.14 0.93 19.46
CA TRP B 78 13.10 0.06 18.82
C TRP B 78 14.12 -0.34 19.90
N ALA B 79 13.59 -0.58 21.10
CA ALA B 79 14.37 -0.95 22.27
C ALA B 79 15.52 -1.93 22.06
N LYS B 80 15.39 -2.83 21.08
CA LYS B 80 16.41 -3.84 20.85
C LYS B 80 17.44 -3.52 19.77
N VAL B 81 17.23 -2.48 18.99
CA VAL B 81 18.20 -2.17 17.95
C VAL B 81 19.38 -1.49 18.61
N SER B 82 20.50 -1.40 17.89
CA SER B 82 21.69 -0.77 18.43
C SER B 82 21.52 0.75 18.59
N LYS B 83 22.45 1.38 19.30
CA LYS B 83 22.35 2.82 19.48
C LYS B 83 22.44 3.56 18.16
N GLU B 84 23.41 3.19 17.32
CA GLU B 84 23.56 3.84 16.02
C GLU B 84 22.27 3.68 15.24
N CYS B 85 21.67 2.50 15.31
CA CYS B 85 20.42 2.23 14.62
C CYS B 85 19.33 3.23 15.01
N MET B 86 19.11 3.37 16.32
CA MET B 86 18.09 4.31 16.81
C MET B 86 18.38 5.70 16.27
N ALA B 87 19.65 6.09 16.34
CA ALA B 87 20.10 7.39 15.84
C ALA B 87 19.66 7.59 14.40
N ASP B 88 20.19 6.76 13.51
CA ASP B 88 19.88 6.84 12.09
C ASP B 88 18.37 6.74 11.82
N LEU B 89 17.66 5.90 12.56
CA LEU B 89 16.23 5.82 12.37
C LEU B 89 15.61 7.13 12.81
N SER B 90 16.17 7.73 13.85
CA SER B 90 15.67 9.00 14.35
C SER B 90 15.81 10.08 13.30
N ILE B 91 16.96 10.10 12.62
CA ILE B 91 17.20 11.09 11.58
C ILE B 91 16.20 10.94 10.44
N HIS B 92 15.93 9.69 10.03
CA HIS B 92 14.99 9.43 8.95
C HIS B 92 13.58 9.80 9.33
N TYR B 93 13.12 9.30 10.48
CA TYR B 93 11.77 9.61 10.89
C TYR B 93 11.58 11.07 11.25
N THR B 94 12.66 11.80 11.48
CA THR B 94 12.49 13.22 11.76
C THR B 94 12.24 13.90 10.42
N TYR B 95 12.92 13.44 9.37
CA TYR B 95 12.73 13.98 8.03
C TYR B 95 11.27 13.83 7.63
N THR B 96 10.74 12.63 7.83
CA THR B 96 9.36 12.37 7.48
C THR B 96 8.40 13.26 8.25
N LEU B 97 8.66 13.46 9.54
CA LEU B 97 7.76 14.27 10.35
C LEU B 97 7.79 15.71 9.89
N VAL B 98 8.99 16.20 9.59
CA VAL B 98 9.14 17.56 9.12
C VAL B 98 8.38 17.80 7.82
N LEU B 99 8.36 16.82 6.91
CA LEU B 99 7.67 16.98 5.64
C LEU B 99 6.19 17.32 5.81
N GLU B 100 5.60 16.87 6.90
CA GLU B 100 4.20 17.16 7.13
C GLU B 100 4.00 18.67 7.21
N ASP B 101 5.11 19.39 7.35
CA ASP B 101 5.05 20.84 7.46
C ASP B 101 4.91 21.57 6.13
N SER B 102 5.80 21.28 5.18
CA SER B 102 5.75 21.96 3.88
C SER B 102 4.34 22.06 3.34
N LYS B 103 3.89 23.29 3.07
CA LYS B 103 2.60 23.52 2.45
C LYS B 103 2.74 23.69 0.94
N ASP B 104 4.04 23.60 0.59
CA ASP B 104 4.42 23.74 -0.82
C ASP B 104 4.00 22.60 -1.74
N ASP B 105 3.43 22.99 -2.87
CA ASP B 105 2.96 22.06 -3.87
C ASP B 105 4.13 21.25 -4.43
N PRO B 106 4.02 19.91 -4.38
CA PRO B 106 5.04 18.97 -4.86
C PRO B 106 5.10 18.90 -6.40
N TYR B 107 3.94 19.09 -7.03
CA TYR B 107 3.83 19.02 -8.49
C TYR B 107 5.06 19.49 -9.28
N PRO B 108 5.34 20.79 -9.29
CA PRO B 108 6.49 21.28 -10.05
C PRO B 108 7.81 20.59 -9.75
N THR B 109 8.04 20.20 -8.50
CA THR B 109 9.30 19.56 -8.14
C THR B 109 9.31 18.07 -8.43
N MET B 110 8.14 17.50 -8.65
CA MET B 110 8.00 16.08 -8.95
C MET B 110 7.85 15.76 -10.45
N VAL B 111 7.89 16.79 -11.28
CA VAL B 111 7.73 16.61 -12.72
C VAL B 111 8.77 15.75 -13.41
N ASN B 112 10.01 15.79 -12.92
CA ASN B 112 11.07 14.98 -13.54
C ASN B 112 11.60 13.97 -12.55
N TYR B 113 10.75 13.58 -11.60
CA TYR B 113 11.11 12.62 -10.57
C TYR B 113 11.78 11.37 -11.13
N PHE B 114 11.09 10.65 -12.00
CA PHE B 114 11.65 9.43 -12.54
C PHE B 114 12.87 9.62 -13.43
N ASP B 115 12.89 10.66 -14.25
CA ASP B 115 14.03 10.83 -15.12
C ASP B 115 15.29 11.19 -14.36
N ASP B 116 15.15 11.99 -13.32
CA ASP B 116 16.30 12.34 -12.52
C ASP B 116 16.77 11.16 -11.70
N LEU B 117 15.82 10.37 -11.20
CA LEU B 117 16.16 9.20 -10.40
C LEU B 117 16.99 8.23 -11.22
N GLN B 118 16.46 7.85 -12.39
CA GLN B 118 17.15 6.90 -13.25
C GLN B 118 18.49 7.45 -13.75
N ALA B 119 18.60 8.77 -13.85
CA ALA B 119 19.82 9.39 -14.34
C ALA B 119 20.86 9.61 -13.25
N GLY B 120 20.42 9.59 -12.00
CA GLY B 120 21.32 9.80 -10.90
C GLY B 120 21.54 11.27 -10.58
N ARG B 121 20.66 12.14 -11.08
CA ARG B 121 20.74 13.58 -10.82
C ARG B 121 19.97 13.88 -9.55
N GLU B 122 20.50 14.77 -8.72
CA GLU B 122 19.82 15.13 -7.47
C GLU B 122 18.38 15.54 -7.74
N GLN B 123 17.47 15.11 -6.88
CA GLN B 123 16.08 15.47 -7.06
C GLN B 123 15.84 16.97 -6.95
N ALA B 124 14.78 17.43 -7.61
CA ALA B 124 14.42 18.84 -7.62
C ALA B 124 13.85 19.22 -6.26
N HIS B 125 13.07 18.31 -5.69
CA HIS B 125 12.48 18.60 -4.39
C HIS B 125 13.56 18.45 -3.33
N PRO B 126 13.85 19.54 -2.59
CA PRO B 126 14.89 19.54 -1.55
C PRO B 126 14.78 18.40 -0.52
N TRP B 127 13.56 18.04 -0.14
CA TRP B 127 13.37 16.97 0.84
C TRP B 127 13.97 15.67 0.30
N TRP B 128 13.58 15.30 -0.91
CA TRP B 128 14.09 14.08 -1.52
C TRP B 128 15.60 14.20 -1.61
N ALA B 129 16.09 15.39 -1.92
CA ALA B 129 17.53 15.58 -2.03
C ALA B 129 18.20 15.19 -0.71
N LEU B 130 17.68 15.70 0.40
CA LEU B 130 18.28 15.40 1.71
C LEU B 130 18.03 13.95 2.13
N VAL B 131 16.77 13.54 2.06
CA VAL B 131 16.40 12.19 2.45
C VAL B 131 17.10 11.07 1.69
N ASN B 132 17.12 11.15 0.36
CA ASN B 132 17.77 10.09 -0.41
C ASN B 132 19.26 10.08 -0.20
N GLU B 133 19.81 11.25 0.08
CA GLU B 133 21.24 11.36 0.33
C GLU B 133 21.57 10.66 1.65
N HIS B 134 20.72 10.86 2.65
CA HIS B 134 20.94 10.26 3.95
C HIS B 134 20.58 8.80 4.04
N PHE B 135 19.52 8.40 3.35
CA PHE B 135 19.00 7.03 3.37
C PHE B 135 20.01 5.88 3.60
N PRO B 136 21.16 5.91 2.92
CA PRO B 136 22.16 4.84 3.10
C PRO B 136 22.53 4.54 4.54
N ASN B 137 22.55 5.57 5.40
CA ASN B 137 22.88 5.37 6.80
C ASN B 137 21.79 4.61 7.52
N VAL B 138 20.59 4.63 6.96
CA VAL B 138 19.47 3.92 7.55
C VAL B 138 19.50 2.51 7.00
N LEU B 139 19.68 2.43 5.68
CA LEU B 139 19.66 1.17 4.98
C LEU B 139 20.82 0.23 5.28
N ARG B 140 21.90 0.78 5.81
CA ARG B 140 23.04 -0.07 6.12
C ARG B 140 22.75 -1.02 7.28
N HIS B 141 21.74 -0.72 8.07
CA HIS B 141 21.38 -1.57 9.20
C HIS B 141 20.45 -2.69 8.78
N PHE B 142 20.09 -2.73 7.50
CA PHE B 142 19.16 -3.76 7.08
C PHE B 142 19.57 -4.55 5.87
N GLY B 143 18.81 -5.61 5.63
CA GLY B 143 19.03 -6.48 4.50
C GLY B 143 18.27 -5.97 3.30
N PRO B 144 18.47 -6.58 2.13
CA PRO B 144 17.77 -6.11 0.94
C PRO B 144 16.25 -6.09 1.02
N PHE B 145 15.64 -7.13 1.58
CA PHE B 145 14.19 -7.16 1.66
C PHE B 145 13.62 -6.05 2.54
N CYS B 146 14.15 -5.91 3.74
CA CYS B 146 13.67 -4.88 4.63
C CYS B 146 13.96 -3.51 4.05
N SER B 147 15.13 -3.34 3.44
CA SER B 147 15.46 -2.05 2.83
C SER B 147 14.38 -1.67 1.82
N LEU B 148 14.04 -2.61 0.94
CA LEU B 148 13.04 -2.35 -0.06
C LEU B 148 11.80 -1.83 0.60
N ASN B 149 11.41 -2.45 1.72
CA ASN B 149 10.23 -2.02 2.42
C ASN B 149 10.35 -0.59 2.94
N LEU B 150 11.50 -0.22 3.49
CA LEU B 150 11.70 1.14 4.01
C LEU B 150 11.59 2.12 2.85
N ILE B 151 12.23 1.77 1.74
CA ILE B 151 12.22 2.62 0.55
C ILE B 151 10.80 2.87 0.04
N ARG B 152 10.05 1.79 -0.18
CA ARG B 152 8.68 1.91 -0.65
C ARG B 152 7.86 2.79 0.28
N SER B 153 7.68 2.34 1.51
CA SER B 153 6.90 3.08 2.50
C SER B 153 7.22 4.57 2.59
N THR B 154 8.49 4.94 2.41
CA THR B 154 8.86 6.36 2.46
C THR B 154 8.29 7.06 1.23
N LEU B 155 8.39 6.40 0.06
CA LEU B 155 7.86 6.95 -1.19
C LEU B 155 6.36 7.12 -0.99
N ASP B 156 5.74 6.06 -0.48
CA ASP B 156 4.33 6.08 -0.18
C ASP B 156 3.99 7.33 0.64
N PHE B 157 4.75 7.53 1.72
CA PHE B 157 4.58 8.66 2.63
C PHE B 157 4.59 9.99 1.89
N PHE B 158 5.53 10.16 0.98
CA PHE B 158 5.64 11.40 0.22
C PHE B 158 4.33 11.70 -0.49
N GLU B 159 3.77 10.67 -1.15
CA GLU B 159 2.50 10.82 -1.84
C GLU B 159 1.45 11.17 -0.81
N GLY B 160 1.47 10.45 0.30
CA GLY B 160 0.51 10.72 1.36
C GLY B 160 0.48 12.19 1.72
N CYS B 161 1.64 12.78 1.95
CA CYS B 161 1.72 14.18 2.32
C CYS B 161 1.17 15.09 1.22
N TRP B 162 1.36 14.64 -0.03
CA TRP B 162 0.88 15.37 -1.19
C TRP B 162 -0.66 15.38 -1.11
N ILE B 163 -1.24 14.19 -1.06
CA ILE B 163 -2.70 14.06 -0.97
C ILE B 163 -3.21 14.87 0.22
N GLU B 164 -2.44 14.83 1.31
CA GLU B 164 -2.80 15.54 2.54
C GLU B 164 -2.94 17.04 2.32
N GLN B 165 -2.06 17.61 1.51
CA GLN B 165 -2.13 19.05 1.26
C GLN B 165 -3.51 19.50 0.75
N TYR B 166 -4.23 18.62 0.08
CA TYR B 166 -5.54 18.99 -0.44
C TYR B 166 -6.59 18.98 0.67
N ASN B 167 -6.17 18.66 1.88
CA ASN B 167 -7.10 18.63 3.00
C ASN B 167 -8.43 18.00 2.57
N PHE B 168 -8.38 16.77 2.10
CA PHE B 168 -9.57 16.07 1.60
C PHE B 168 -9.90 14.82 2.43
N GLY B 169 -11.13 14.77 2.95
CA GLY B 169 -11.53 13.64 3.77
C GLY B 169 -12.26 12.54 3.01
N GLY B 170 -12.27 12.67 1.68
CA GLY B 170 -12.93 11.68 0.85
C GLY B 170 -14.37 12.01 0.49
N PHE B 171 -14.78 11.63 -0.72
CA PHE B 171 -16.15 11.86 -1.15
C PHE B 171 -17.05 10.98 -0.34
N PRO B 172 -18.22 11.49 0.08
CA PRO B 172 -19.10 10.63 0.86
C PRO B 172 -19.41 9.40 0.03
N GLY B 173 -19.33 8.22 0.65
CA GLY B 173 -19.61 6.99 -0.05
C GLY B 173 -18.36 6.31 -0.57
N SER B 174 -17.25 7.04 -0.52
CA SER B 174 -15.94 6.55 -0.96
C SER B 174 -15.34 5.77 0.21
N HIS B 175 -16.03 4.68 0.59
CA HIS B 175 -15.62 3.85 1.72
C HIS B 175 -14.18 3.41 1.76
N ASP B 176 -13.58 3.17 0.60
CA ASP B 176 -12.18 2.74 0.56
C ASP B 176 -11.15 3.87 0.71
N TYR B 177 -11.58 5.12 0.73
CA TYR B 177 -10.65 6.23 0.83
C TYR B 177 -9.86 6.34 2.13
N PRO B 178 -10.56 6.38 3.27
CA PRO B 178 -9.93 6.50 4.59
C PRO B 178 -8.68 5.67 4.79
N GLN B 179 -8.84 4.36 4.90
CA GLN B 179 -7.70 3.48 5.12
C GLN B 179 -6.66 3.59 4.01
N PHE B 180 -7.10 3.88 2.80
CA PHE B 180 -6.20 4.05 1.68
C PHE B 180 -5.22 5.16 2.06
N LEU B 181 -5.78 6.26 2.54
CA LEU B 181 -4.99 7.41 2.94
C LEU B 181 -4.17 7.14 4.19
N ARG B 182 -4.78 6.49 5.18
CA ARG B 182 -4.07 6.20 6.43
C ARG B 182 -2.81 5.39 6.20
N ARG B 183 -2.94 4.36 5.37
CA ARG B 183 -1.80 3.53 5.07
C ARG B 183 -0.81 4.34 4.23
N MET B 184 -1.33 5.16 3.32
CA MET B 184 -0.46 5.95 2.46
C MET B 184 0.50 6.85 3.24
N ASN B 185 0.04 7.41 4.36
CA ASN B 185 0.88 8.31 5.16
C ASN B 185 1.23 7.76 6.55
N GLY B 186 1.06 6.45 6.73
CA GLY B 186 1.35 5.83 8.02
C GLY B 186 2.75 5.28 8.21
N LEU B 187 3.50 5.11 7.13
CA LEU B 187 4.86 4.56 7.22
C LEU B 187 4.85 3.16 7.83
N GLY B 188 3.72 2.48 7.64
CA GLY B 188 3.55 1.15 8.16
C GLY B 188 4.71 0.21 7.86
N HIS B 189 4.97 -0.03 6.58
CA HIS B 189 6.05 -0.94 6.23
C HIS B 189 7.41 -0.43 6.60
N CYS B 190 7.54 0.88 6.74
CA CYS B 190 8.84 1.44 7.11
C CYS B 190 9.14 1.03 8.54
N VAL B 191 8.16 1.25 9.41
CA VAL B 191 8.26 0.91 10.81
C VAL B 191 8.49 -0.60 10.92
N GLY B 192 7.50 -1.34 10.44
CA GLY B 192 7.55 -2.79 10.47
C GLY B 192 8.86 -3.42 10.03
N ALA B 193 9.41 -2.98 8.91
CA ALA B 193 10.64 -3.59 8.45
C ALA B 193 11.86 -3.06 9.18
N SER B 194 11.77 -1.85 9.71
CA SER B 194 12.91 -1.27 10.43
C SER B 194 13.18 -1.91 11.79
N LEU B 195 12.29 -2.80 12.21
CA LEU B 195 12.41 -3.52 13.48
C LEU B 195 13.38 -4.69 13.41
N TRP B 196 13.89 -5.00 12.22
CA TRP B 196 14.76 -6.17 12.08
C TRP B 196 16.15 -5.94 11.50
N PRO B 197 17.05 -5.29 12.26
CA PRO B 197 18.41 -5.03 11.79
C PRO B 197 19.11 -6.32 11.36
N LYS B 198 19.93 -6.26 10.33
CA LYS B 198 20.59 -7.48 9.86
C LYS B 198 21.66 -7.96 10.82
N GLU B 199 21.88 -7.18 11.86
CA GLU B 199 22.88 -7.51 12.85
C GLU B 199 22.30 -8.46 13.90
N GLN B 200 20.99 -8.40 14.11
CA GLN B 200 20.36 -9.28 15.10
C GLN B 200 19.43 -10.29 14.42
N PHE B 201 19.07 -10.04 13.17
CA PHE B 201 18.18 -10.97 12.48
C PHE B 201 18.65 -11.36 11.09
N ASN B 202 18.00 -12.38 10.53
CA ASN B 202 18.33 -12.85 9.20
C ASN B 202 17.06 -12.87 8.35
N GLU B 203 16.93 -11.91 7.44
CA GLU B 203 15.76 -11.79 6.56
C GLU B 203 15.37 -13.10 5.91
N ARG B 204 16.37 -13.79 5.38
CA ARG B 204 16.14 -15.05 4.69
C ARG B 204 15.69 -16.12 5.68
N SER B 205 16.28 -16.11 6.87
CA SER B 205 15.92 -17.11 7.87
C SER B 205 14.55 -16.87 8.47
N LEU B 206 14.20 -15.60 8.67
CA LEU B 206 12.92 -15.25 9.23
C LEU B 206 12.03 -14.47 8.26
N PHE B 207 12.15 -14.76 6.97
CA PHE B 207 11.39 -14.07 5.95
C PHE B 207 9.91 -14.14 6.22
N LEU B 208 9.39 -15.33 6.44
CA LEU B 208 7.97 -15.47 6.71
C LEU B 208 7.53 -14.67 7.93
N GLU B 209 8.26 -14.80 9.04
CA GLU B 209 7.85 -14.06 10.21
C GLU B 209 8.02 -12.56 10.01
N ILE B 210 9.12 -12.16 9.38
CA ILE B 210 9.33 -10.71 9.16
C ILE B 210 8.24 -10.13 8.26
N THR B 211 7.94 -10.83 7.17
CA THR B 211 6.90 -10.39 6.25
C THR B 211 5.57 -10.28 7.00
N SER B 212 5.25 -11.31 7.78
CA SER B 212 4.03 -11.30 8.58
C SER B 212 4.03 -10.14 9.57
N ALA B 213 5.18 -9.87 10.15
CA ALA B 213 5.31 -8.79 11.12
C ALA B 213 4.94 -7.47 10.44
N ILE B 214 5.53 -7.23 9.27
CA ILE B 214 5.26 -6.00 8.53
C ILE B 214 3.77 -5.90 8.24
N ALA B 215 3.20 -6.97 7.70
CA ALA B 215 1.79 -7.00 7.36
C ALA B 215 0.86 -6.63 8.53
N GLN B 216 1.20 -7.12 9.72
CA GLN B 216 0.39 -6.87 10.91
C GLN B 216 0.75 -5.61 11.67
N MET B 217 2.04 -5.32 11.77
CA MET B 217 2.46 -4.15 12.50
C MET B 217 1.89 -2.90 11.84
N GLU B 218 1.87 -2.87 10.52
CA GLU B 218 1.36 -1.72 9.78
C GLU B 218 0.04 -1.18 10.32
N ASN B 219 -0.95 -2.05 10.47
CA ASN B 219 -2.23 -1.60 10.96
C ASN B 219 -2.26 -1.31 12.47
N TRP B 220 -1.58 -2.16 13.26
CA TRP B 220 -1.57 -1.95 14.70
C TRP B 220 -0.98 -0.59 15.03
N MET B 221 0.20 -0.33 14.45
CA MET B 221 0.92 0.90 14.68
C MET B 221 0.12 2.16 14.34
N VAL B 222 -0.56 2.17 13.21
CA VAL B 222 -1.31 3.36 12.83
C VAL B 222 -2.58 3.52 13.64
N TRP B 223 -3.29 2.42 13.85
CA TRP B 223 -4.55 2.45 14.61
C TRP B 223 -4.34 2.81 16.07
N VAL B 224 -3.28 2.30 16.68
CA VAL B 224 -2.99 2.60 18.08
C VAL B 224 -2.76 4.11 18.20
N ASN B 225 -2.14 4.71 17.20
CA ASN B 225 -1.92 6.14 17.27
C ASN B 225 -3.26 6.83 17.09
N ASP B 226 -3.94 6.56 15.98
CA ASP B 226 -5.25 7.16 15.72
C ASP B 226 -6.11 7.11 16.97
N LEU B 227 -5.93 6.05 17.76
CA LEU B 227 -6.67 5.87 19.00
C LEU B 227 -6.16 6.80 20.11
N MET B 228 -4.93 6.54 20.55
CA MET B 228 -4.33 7.34 21.60
C MET B 228 -4.17 8.79 21.21
N SER B 229 -4.19 9.06 19.92
CA SER B 229 -4.03 10.42 19.42
C SER B 229 -5.41 11.09 19.28
N PHE B 230 -6.47 10.31 19.46
CA PHE B 230 -7.82 10.83 19.33
C PHE B 230 -8.05 12.05 20.21
N TYR B 231 -7.09 12.36 21.08
CA TYR B 231 -7.20 13.51 21.96
C TYR B 231 -6.73 14.78 21.25
N LYS B 232 -5.44 15.04 21.34
CA LYS B 232 -4.84 16.22 20.73
C LYS B 232 -5.25 16.45 19.28
N GLU B 233 -5.80 15.42 18.63
CA GLU B 233 -6.21 15.52 17.24
C GLU B 233 -7.59 16.11 17.02
N PHE B 234 -8.51 15.80 17.91
CA PHE B 234 -9.89 16.29 17.80
C PHE B 234 -10.01 17.81 17.91
N ASP B 235 -9.68 18.35 19.08
CA ASP B 235 -9.75 19.79 19.35
C ASP B 235 -8.79 20.57 18.46
N ASP B 236 -8.72 20.19 17.19
CA ASP B 236 -7.81 20.83 16.25
C ASP B 236 -8.49 21.52 15.08
N GLU B 237 -7.78 22.38 14.44
CA GLU B 237 -8.22 23.12 13.27
C GLU B 237 -7.33 22.83 12.06
N ARG B 238 -6.24 22.08 12.34
CA ARG B 238 -5.25 21.73 11.34
C ARG B 238 -5.57 20.37 10.71
N ASP B 239 -4.94 19.28 11.23
CA ASP B 239 -5.16 17.94 10.68
C ASP B 239 -6.59 17.44 10.86
N GLN B 240 -7.54 18.17 10.30
CA GLN B 240 -8.93 17.78 10.41
C GLN B 240 -9.30 16.60 9.53
N ILE B 241 -8.30 16.04 8.83
CA ILE B 241 -8.57 14.90 7.95
C ILE B 241 -7.97 13.60 8.49
N SER B 242 -8.19 13.32 9.78
CA SER B 242 -7.68 12.12 10.42
C SER B 242 -8.51 10.90 10.04
N LEU B 243 -7.98 9.71 10.30
CA LEU B 243 -8.67 8.47 9.96
C LEU B 243 -10.11 8.47 10.46
N VAL B 244 -10.29 8.65 11.76
CA VAL B 244 -11.63 8.66 12.34
C VAL B 244 -12.50 9.72 11.67
N LYS B 245 -12.00 10.96 11.61
CA LYS B 245 -12.76 12.03 10.99
C LYS B 245 -13.15 11.71 9.54
N ASN B 246 -12.28 11.01 8.82
CA ASN B 246 -12.58 10.66 7.43
C ASN B 246 -13.62 9.54 7.38
N TYR B 247 -13.57 8.62 8.35
CA TYR B 247 -14.55 7.55 8.37
C TYR B 247 -15.92 8.24 8.35
N VAL B 248 -16.07 9.23 9.21
CA VAL B 248 -17.30 10.00 9.32
C VAL B 248 -17.72 10.55 7.95
N VAL B 249 -16.85 11.35 7.35
CA VAL B 249 -17.10 11.98 6.08
C VAL B 249 -17.34 11.01 4.92
N SER B 250 -16.49 9.99 4.82
CA SER B 250 -16.59 9.01 3.74
C SER B 250 -17.64 7.94 3.93
N ASP B 251 -17.73 7.37 5.12
CA ASP B 251 -18.72 6.32 5.38
C ASP B 251 -20.06 6.91 5.83
N GLU B 252 -20.08 8.24 5.99
CA GLU B 252 -21.29 8.94 6.43
C GLU B 252 -21.84 8.30 7.69
N ILE B 253 -21.04 8.32 8.75
CA ILE B 253 -21.42 7.76 10.03
C ILE B 253 -21.11 8.77 11.13
N SER B 254 -21.60 8.51 12.34
CA SER B 254 -21.39 9.42 13.46
C SER B 254 -19.97 9.35 13.97
N LEU B 255 -19.51 10.43 14.59
CA LEU B 255 -18.16 10.45 15.13
C LEU B 255 -17.99 9.30 16.11
N HIS B 256 -19.09 8.87 16.71
CA HIS B 256 -19.02 7.77 17.66
C HIS B 256 -18.87 6.44 16.92
N GLU B 257 -19.75 6.22 15.94
CA GLU B 257 -19.70 5.00 15.15
C GLU B 257 -18.28 4.80 14.60
N ALA B 258 -17.69 5.90 14.13
CA ALA B 258 -16.34 5.89 13.57
C ALA B 258 -15.34 5.49 14.65
N LEU B 259 -15.48 6.10 15.81
CA LEU B 259 -14.59 5.82 16.92
C LEU B 259 -14.71 4.37 17.37
N GLU B 260 -15.89 3.78 17.26
CA GLU B 260 -16.05 2.39 17.66
C GLU B 260 -15.40 1.45 16.64
N LYS B 261 -15.48 1.86 15.37
CA LYS B 261 -14.84 1.06 14.33
C LYS B 261 -13.35 0.89 14.61
N LEU B 262 -12.71 2.05 14.84
CA LEU B 262 -11.29 2.06 15.15
C LEU B 262 -10.97 1.13 16.30
N THR B 263 -11.60 1.38 17.44
CA THR B 263 -11.36 0.58 18.63
C THR B 263 -11.58 -0.90 18.39
N GLN B 264 -12.47 -1.24 17.48
CA GLN B 264 -12.70 -2.64 17.18
C GLN B 264 -11.50 -3.20 16.45
N ASP B 265 -11.07 -2.48 15.43
CA ASP B 265 -9.92 -2.90 14.65
C ASP B 265 -8.69 -2.94 15.55
N THR B 266 -8.47 -1.86 16.30
CA THR B 266 -7.31 -1.79 17.18
C THR B 266 -7.21 -2.99 18.11
N LEU B 267 -8.31 -3.35 18.74
CA LEU B 267 -8.31 -4.47 19.64
C LEU B 267 -8.04 -5.75 18.88
N HIS B 268 -8.83 -6.03 17.86
CA HIS B 268 -8.66 -7.24 17.06
C HIS B 268 -7.22 -7.38 16.59
N SER B 269 -6.65 -6.31 16.07
CA SER B 269 -5.27 -6.32 15.60
C SER B 269 -4.39 -6.80 16.74
N SER B 270 -4.54 -6.16 17.90
CA SER B 270 -3.78 -6.49 19.09
C SER B 270 -3.89 -7.98 19.38
N LYS B 271 -5.14 -8.44 19.48
CA LYS B 271 -5.44 -9.84 19.77
C LYS B 271 -4.65 -10.77 18.87
N GLN B 272 -4.84 -10.63 17.57
CA GLN B 272 -4.17 -11.45 16.57
C GLN B 272 -2.66 -11.27 16.58
N MET B 273 -2.22 -10.04 16.87
CA MET B 273 -0.79 -9.76 16.93
C MET B 273 -0.17 -10.74 17.91
N VAL B 274 -0.76 -10.83 19.09
CA VAL B 274 -0.27 -11.71 20.14
C VAL B 274 -0.48 -13.17 19.73
N ALA B 275 -1.68 -13.49 19.28
CA ALA B 275 -2.00 -14.85 18.87
C ALA B 275 -0.96 -15.42 17.90
N VAL B 276 -0.60 -14.64 16.89
CA VAL B 276 0.36 -15.08 15.89
C VAL B 276 1.82 -15.21 16.32
N PHE B 277 2.33 -14.21 16.99
CA PHE B 277 3.73 -14.22 17.38
C PHE B 277 4.16 -14.82 18.71
N SER B 278 3.23 -15.10 19.60
CA SER B 278 3.60 -15.68 20.88
C SER B 278 4.46 -16.93 20.72
N ASP B 279 3.92 -17.92 20.04
CA ASP B 279 4.62 -19.18 19.83
C ASP B 279 5.56 -19.16 18.64
N LYS B 280 6.15 -18.02 18.34
CA LYS B 280 7.09 -17.92 17.23
C LYS B 280 8.47 -17.67 17.80
N ASP B 281 9.47 -17.54 16.94
CA ASP B 281 10.84 -17.29 17.40
C ASP B 281 10.81 -16.31 18.55
N PRO B 282 11.26 -16.74 19.73
CA PRO B 282 11.28 -15.86 20.90
C PRO B 282 11.88 -14.49 20.64
N GLN B 283 13.02 -14.43 19.95
CA GLN B 283 13.65 -13.15 19.66
C GLN B 283 12.72 -12.22 18.86
N VAL B 284 11.83 -12.79 18.06
CA VAL B 284 10.89 -12.00 17.28
C VAL B 284 9.85 -11.42 18.23
N MET B 285 9.02 -12.29 18.80
CA MET B 285 8.00 -11.86 19.74
C MET B 285 8.51 -10.79 20.68
N ASP B 286 9.79 -10.90 21.06
CA ASP B 286 10.41 -9.96 21.95
C ASP B 286 10.45 -8.56 21.33
N THR B 287 11.02 -8.43 20.13
CA THR B 287 11.11 -7.15 19.45
C THR B 287 9.71 -6.58 19.26
N ILE B 288 8.80 -7.49 18.91
CA ILE B 288 7.41 -7.13 18.67
C ILE B 288 6.74 -6.63 19.94
N GLU B 289 6.93 -7.37 21.02
CA GLU B 289 6.31 -6.98 22.27
C GLU B 289 6.92 -5.68 22.78
N CYS B 290 8.23 -5.54 22.65
CA CYS B 290 8.88 -4.33 23.11
C CYS B 290 8.39 -3.11 22.33
N PHE B 291 8.29 -3.25 21.01
CA PHE B 291 7.80 -2.12 20.21
C PHE B 291 6.41 -1.67 20.69
N MET B 292 5.49 -2.64 20.83
CA MET B 292 4.12 -2.35 21.26
C MET B 292 4.07 -1.62 22.59
N HIS B 293 4.73 -2.18 23.58
CA HIS B 293 4.73 -1.57 24.90
C HIS B 293 5.40 -0.20 24.84
N GLY B 294 6.56 -0.13 24.20
CA GLY B 294 7.26 1.13 24.09
C GLY B 294 6.44 2.18 23.38
N TYR B 295 5.78 1.77 22.32
CA TYR B 295 4.94 2.65 21.51
C TYR B 295 3.86 3.27 22.41
N VAL B 296 3.27 2.45 23.28
CA VAL B 296 2.23 2.94 24.17
C VAL B 296 2.82 3.81 25.27
N THR B 297 4.01 3.45 25.74
CA THR B 297 4.71 4.19 26.77
C THR B 297 4.90 5.61 26.25
N TRP B 298 5.54 5.70 25.09
CA TRP B 298 5.82 6.99 24.47
C TRP B 298 4.59 7.84 24.24
N HIS B 299 3.48 7.23 23.88
CA HIS B 299 2.26 8.01 23.66
C HIS B 299 1.81 8.61 24.98
N LEU B 300 1.82 7.79 26.02
CA LEU B 300 1.41 8.22 27.35
C LEU B 300 2.34 9.28 27.92
N CYS B 301 3.63 9.23 27.55
CA CYS B 301 4.63 10.17 28.05
C CYS B 301 4.86 11.46 27.29
N ASP B 302 4.81 11.42 25.96
CA ASP B 302 5.04 12.62 25.18
C ASP B 302 3.94 13.64 25.35
N ARG B 303 4.37 14.86 25.65
CA ARG B 303 3.45 15.98 25.82
C ARG B 303 2.50 16.10 24.64
N ARG B 304 3.08 15.89 23.45
CA ARG B 304 2.37 15.94 22.19
C ARG B 304 0.96 15.39 22.20
N TYR B 305 0.72 14.37 23.02
CA TYR B 305 -0.60 13.74 23.07
C TYR B 305 -1.48 14.13 24.26
N ARG B 306 -0.97 15.04 25.07
CA ARG B 306 -1.67 15.56 26.24
C ARG B 306 -2.49 14.54 27.05
N LEU B 307 -1.98 13.32 27.16
CA LEU B 307 -2.68 12.29 27.90
C LEU B 307 -2.65 12.54 29.40
N SER B 308 -1.73 13.40 29.83
CA SER B 308 -1.61 13.74 31.25
C SER B 308 -2.90 14.41 31.72
N GLU B 309 -3.58 15.08 30.79
CA GLU B 309 -4.82 15.77 31.09
C GLU B 309 -5.97 14.83 31.49
N ILE B 310 -6.05 13.68 30.83
CA ILE B 310 -7.10 12.72 31.17
C ILE B 310 -6.71 11.96 32.44
N TYR B 311 -5.43 12.06 32.83
CA TYR B 311 -4.94 11.40 34.02
C TYR B 311 -5.53 12.09 35.25
N GLU B 312 -5.47 13.41 35.21
CA GLU B 312 -5.98 14.24 36.30
C GLU B 312 -7.47 14.06 36.54
N LYS B 313 -8.25 14.17 35.47
CA LYS B 313 -9.68 14.04 35.57
C LYS B 313 -10.12 12.62 35.94
N VAL B 314 -9.15 11.74 36.23
CA VAL B 314 -9.44 10.37 36.64
C VAL B 314 -8.51 9.85 37.73
N LYS B 315 -7.51 10.62 38.07
CA LYS B 315 -6.54 10.26 39.09
C LYS B 315 -7.23 9.96 40.42
N GLU B 316 -8.56 10.18 40.49
CA GLU B 316 -9.30 9.94 41.73
C GLU B 316 -10.72 9.48 41.44
N GLU B 317 -10.91 8.27 40.91
CA GLU B 317 -12.25 7.74 40.64
C GLU B 317 -12.31 6.27 41.05
N LYS B 318 -13.48 5.63 40.88
CA LYS B 318 -13.65 4.25 41.33
C LYS B 318 -13.65 3.30 40.14
N THR B 319 -14.34 3.59 39.04
CA THR B 319 -14.46 2.69 37.89
C THR B 319 -13.20 1.84 37.66
N GLU B 320 -13.38 0.60 37.19
CA GLU B 320 -12.26 -0.29 36.92
C GLU B 320 -11.51 0.13 35.66
N ASP B 321 -11.81 1.37 35.14
CA ASP B 321 -11.18 1.92 33.95
C ASP B 321 -10.28 3.12 34.27
N ALA B 322 -10.89 4.22 34.73
CA ALA B 322 -10.13 5.41 35.08
C ALA B 322 -9.01 5.08 36.06
N GLN B 323 -9.19 3.99 36.82
CA GLN B 323 -8.18 3.56 37.77
C GLN B 323 -7.18 2.61 37.12
N LYS B 324 -7.72 1.64 36.38
CA LYS B 324 -6.88 0.68 35.65
C LYS B 324 -6.16 1.35 34.49
N PHE B 325 -6.41 2.65 34.35
CA PHE B 325 -5.80 3.46 33.30
C PHE B 325 -4.53 4.13 33.83
N CYS B 326 -4.63 4.68 35.04
CA CYS B 326 -3.50 5.34 35.66
C CYS B 326 -2.52 4.31 36.19
N LYS B 327 -3.04 3.12 36.44
CA LYS B 327 -2.18 2.05 36.89
C LYS B 327 -1.02 1.82 35.93
N PHE B 328 -1.37 2.13 34.66
CA PHE B 328 -0.42 2.06 33.57
C PHE B 328 0.23 3.44 33.44
N TYR B 329 -0.60 4.46 33.25
CA TYR B 329 -0.11 5.83 33.10
C TYR B 329 1.02 6.07 34.10
N GLU B 330 0.78 5.60 35.31
CA GLU B 330 1.84 5.70 36.31
C GLU B 330 3.13 5.06 35.79
N GLN B 331 3.08 3.73 35.65
CA GLN B 331 4.22 2.97 35.13
C GLN B 331 4.88 3.72 33.98
N ALA B 332 4.07 4.11 33.01
CA ALA B 332 4.57 4.84 31.85
C ALA B 332 5.47 5.97 32.35
N ALA B 333 4.86 6.96 32.99
CA ALA B 333 5.59 8.11 33.50
C ALA B 333 6.69 7.79 34.52
N ASN B 334 6.99 6.50 34.72
CA ASN B 334 8.03 6.15 35.67
C ASN B 334 9.36 5.88 34.98
N VAL B 335 9.32 5.10 33.91
CA VAL B 335 10.54 4.81 33.15
C VAL B 335 10.54 5.72 31.93
N GLY B 336 9.36 6.25 31.62
CA GLY B 336 9.25 7.12 30.45
C GLY B 336 9.29 8.61 30.70
N ALA B 337 8.83 9.03 31.88
CA ALA B 337 8.84 10.46 32.19
C ALA B 337 10.28 10.91 32.43
N VAL B 338 10.82 11.63 31.45
CA VAL B 338 12.18 12.13 31.53
C VAL B 338 12.29 13.57 31.04
N SER B 339 12.80 14.44 31.90
CA SER B 339 12.96 15.83 31.53
C SER B 339 13.96 15.94 30.39
N PRO B 340 13.52 16.57 29.29
CA PRO B 340 14.36 16.75 28.11
C PRO B 340 15.74 17.24 28.48
N SER B 341 15.82 18.09 29.49
CA SER B 341 17.10 18.63 29.93
C SER B 341 18.13 17.52 30.18
N GLU B 342 17.66 16.31 30.42
CA GLU B 342 18.58 15.20 30.69
C GLU B 342 19.20 14.54 29.48
N TRP B 343 18.67 14.83 28.28
CA TRP B 343 19.18 14.21 27.06
C TRP B 343 19.20 15.08 25.80
N ALA B 344 18.14 15.85 25.60
CA ALA B 344 18.02 16.71 24.42
C ALA B 344 18.83 18.00 24.50
N TYR B 345 20.15 17.93 24.28
CA TYR B 345 20.98 19.13 24.36
C TYR B 345 22.32 18.95 23.67
N PRO B 346 22.90 20.04 23.16
CA PRO B 346 22.31 21.38 23.22
C PRO B 346 21.20 21.43 22.19
N PRO B 347 20.59 22.61 21.99
CA PRO B 347 19.51 22.63 20.99
C PRO B 347 20.11 22.67 19.57
N VAL B 348 19.37 22.11 18.61
CA VAL B 348 19.86 22.06 17.24
C VAL B 348 20.30 23.41 16.74
N ALA B 349 19.50 24.43 17.04
CA ALA B 349 19.81 25.78 16.61
C ALA B 349 21.23 26.15 17.02
N GLN B 350 21.59 25.80 18.24
CA GLN B 350 22.91 26.10 18.80
C GLN B 350 24.06 25.47 18.04
N LEU B 351 23.94 24.18 17.76
CA LEU B 351 25.00 23.50 17.04
C LEU B 351 25.12 24.15 15.67
N ALA B 352 23.97 24.44 15.07
CA ALA B 352 23.92 25.05 13.75
C ALA B 352 24.56 26.43 13.72
N ASN B 353 24.19 27.27 14.68
CA ASN B 353 24.71 28.62 14.76
C ASN B 353 26.22 28.73 14.86
N VAL B 354 26.86 27.67 15.35
CA VAL B 354 28.31 27.67 15.47
C VAL B 354 28.96 27.56 14.09
#